data_8TGL
#
_entry.id   8TGL
#
_cell.length_a   1.00
_cell.length_b   1.00
_cell.length_c   1.00
_cell.angle_alpha   90.00
_cell.angle_beta   90.00
_cell.angle_gamma   90.00
#
_symmetry.space_group_name_H-M   'P 1'
#
loop_
_entity.id
_entity.type
_entity.pdbx_description
1 polymer 'Chromaffin granule amine transporter'
2 non-polymer L-NOREPINEPHRINE
3 non-polymer reserpine
#
_entity_poly.entity_id   1
_entity_poly.type   'polypeptide(L)'
_entity_poly.pdbx_seq_one_letter_code
;MLRTILDAPQRLLKEGRASRQLVLVVVFVALLLDNMLFTVVVPIVPTFLYDMEFKEVNSSLHLGHAGSNCLQGTGFLEEE
ITRVGVLFASKAVMQLLVNPFVGPLTNRIGYHIPMFAGFVIMFLSTVMFAFSGTYTLLFVARTLQGIGSSFSSVAGLGML
ASVYTDDHERGRAMGTALGGLALGLLVGAPFGSVMYEFVGKSAPFLILAFLALLDGALQLCILQPSKVSPESAKGTPLFM
LLKDPYILVAAGSICFANMGVAILEPTLPIWMMQTMCSPKWQLGLAFLPASVSYLIGTNLFGVLANKMGRWLCSLIGMLV
VGTSLLCVPLAHNIFGLIGPNAGLGLAIGMVDSSMMPIMGHLVDLRHTSVYGSVYAIADVAFCMGFAIGPSTGGAIVKAI
GFPWLMVITGVINIVYAPLCYYLRSPPAKEEKLAILSQDCPMETRMYATQKPTKEFPLGEDSDEEPDHEE
;
_entity_poly.pdbx_strand_id   A,B
#
# COMPACT_ATOMS: atom_id res chain seq x y z
N SER A 19 -20.73 21.83 27.82
CA SER A 19 -19.52 22.64 27.73
C SER A 19 -18.42 21.91 26.98
N ARG A 20 -18.70 20.67 26.58
CA ARG A 20 -17.71 19.87 25.85
C ARG A 20 -17.36 20.51 24.52
N GLN A 21 -18.36 21.03 23.81
CA GLN A 21 -18.11 21.68 22.52
C GLN A 21 -17.27 22.92 22.71
N LEU A 22 -17.47 23.64 23.82
CA LEU A 22 -16.75 24.89 24.04
C LEU A 22 -15.24 24.66 24.17
N VAL A 23 -14.82 23.50 24.68
CA VAL A 23 -13.40 23.19 24.77
C VAL A 23 -12.80 23.07 23.37
N LEU A 24 -13.53 22.45 22.45
CA LEU A 24 -13.03 22.31 21.09
C LEU A 24 -12.87 23.66 20.41
N VAL A 25 -13.70 24.63 20.77
CA VAL A 25 -13.61 25.96 20.15
C VAL A 25 -12.27 26.60 20.47
N VAL A 26 -11.82 26.50 21.74
CA VAL A 26 -10.55 27.08 22.12
C VAL A 26 -9.40 26.39 21.39
N VAL A 27 -9.43 25.06 21.33
CA VAL A 27 -8.37 24.32 20.66
C VAL A 27 -8.36 24.63 19.17
N PHE A 28 -9.53 24.86 18.60
CA PHE A 28 -9.60 25.32 17.21
C PHE A 28 -8.88 26.66 17.07
N VAL A 29 -9.08 27.56 18.02
CA VAL A 29 -8.43 28.87 17.95
C VAL A 29 -7.06 28.86 18.61
N ALA A 30 -6.85 28.00 19.62
CA ALA A 30 -5.53 27.91 20.25
C ALA A 30 -4.50 27.38 19.26
N LEU A 31 -4.81 26.30 18.57
CA LEU A 31 -3.91 25.78 17.54
C LEU A 31 -3.93 26.63 16.28
N LEU A 32 -5.00 27.40 16.07
CA LEU A 32 -5.04 28.28 14.90
C LEU A 32 -3.97 29.35 14.98
N LEU A 33 -3.87 30.04 16.13
CA LEU A 33 -2.92 31.14 16.27
C LEU A 33 -1.54 30.68 16.69
N ASP A 34 -1.42 29.50 17.31
CA ASP A 34 -0.12 29.00 17.70
C ASP A 34 0.78 28.75 16.49
N ASN A 35 0.23 28.14 15.45
CA ASN A 35 1.00 27.88 14.23
C ASN A 35 0.88 28.99 13.20
N MET A 36 0.09 30.04 13.48
CA MET A 36 0.04 31.17 12.57
C MET A 36 1.35 31.96 12.61
N LEU A 37 1.94 32.10 13.80
CA LEU A 37 3.25 32.72 13.89
C LEU A 37 4.35 31.78 13.39
N PHE A 38 4.14 30.47 13.53
CA PHE A 38 5.13 29.51 13.04
C PHE A 38 5.28 29.58 11.53
N THR A 39 4.22 29.97 10.81
CA THR A 39 4.26 30.06 9.37
C THR A 39 4.23 31.48 8.84
N VAL A 40 3.98 32.48 9.69
CA VAL A 40 4.04 33.87 9.24
C VAL A 40 5.45 34.42 9.29
N VAL A 41 6.35 33.80 10.06
CA VAL A 41 7.71 34.30 10.18
C VAL A 41 8.59 33.88 9.02
N VAL A 42 8.25 32.78 8.34
CA VAL A 42 9.07 32.33 7.21
C VAL A 42 9.18 33.34 6.09
N PRO A 43 8.11 34.01 5.63
CA PRO A 43 8.27 34.93 4.49
C PRO A 43 8.65 36.36 4.85
N ILE A 44 9.12 36.61 6.08
CA ILE A 44 9.45 37.96 6.50
C ILE A 44 10.90 38.03 6.97
N VAL A 45 11.43 36.90 7.42
CA VAL A 45 12.80 36.86 7.94
C VAL A 45 13.86 36.89 6.84
N PRO A 46 13.79 36.12 5.75
CA PRO A 46 14.91 36.18 4.79
C PRO A 46 14.97 37.49 4.03
N THR A 47 13.83 38.15 3.84
CA THR A 47 13.83 39.47 3.24
C THR A 47 14.30 40.53 4.22
N PHE A 48 13.93 40.39 5.49
CA PHE A 48 14.32 41.40 6.50
C PHE A 48 15.83 41.39 6.73
N LEU A 49 16.40 40.21 6.96
CA LEU A 49 17.81 40.15 7.33
C LEU A 49 18.73 40.50 6.16
N TYR A 50 18.24 40.35 4.93
CA TYR A 50 19.08 40.68 3.77
C TYR A 50 19.41 42.16 3.73
N ILE A 81 23.31 31.09 3.95
CA ILE A 81 22.07 30.33 3.98
C ILE A 81 22.00 29.47 5.23
N THR A 82 23.14 28.96 5.68
CA THR A 82 23.17 28.11 6.86
C THR A 82 22.73 28.87 8.11
N ARG A 83 23.13 30.15 8.18
CA ARG A 83 22.82 30.97 9.36
C ARG A 83 21.31 31.11 9.52
N VAL A 84 20.60 31.28 8.41
CA VAL A 84 19.15 31.47 8.45
C VAL A 84 18.46 30.14 8.72
N GLY A 85 19.11 29.03 8.35
CA GLY A 85 18.50 27.73 8.59
C GLY A 85 18.38 27.39 10.06
N VAL A 86 19.42 27.68 10.84
CA VAL A 86 19.41 27.36 12.26
C VAL A 86 18.39 28.19 13.02
N LEU A 87 17.98 29.33 12.45
CA LEU A 87 16.97 30.16 13.11
C LEU A 87 15.64 29.41 13.21
N PHE A 88 15.21 28.80 12.11
CA PHE A 88 13.90 28.14 12.09
C PHE A 88 13.87 26.93 13.03
N ALA A 89 14.99 26.22 13.16
CA ALA A 89 15.03 25.00 13.96
C ALA A 89 14.94 25.27 15.45
N SER A 90 15.01 26.52 15.89
CA SER A 90 14.98 26.83 17.31
C SER A 90 13.69 26.35 17.95
N LYS A 91 12.56 26.50 17.25
CA LYS A 91 11.30 26.00 17.78
C LYS A 91 11.33 24.50 17.96
N ALA A 92 11.96 23.78 17.02
CA ALA A 92 11.94 22.33 17.07
C ALA A 92 12.83 21.79 18.19
N VAL A 93 14.04 22.31 18.31
CA VAL A 93 14.98 21.77 19.29
C VAL A 93 14.49 22.07 20.71
N MET A 94 14.12 23.32 20.96
CA MET A 94 13.77 23.72 22.33
C MET A 94 12.48 23.04 22.79
N GLN A 95 11.56 22.77 21.87
CA GLN A 95 10.35 22.07 22.25
C GLN A 95 10.64 20.61 22.55
N LEU A 96 11.60 20.02 21.83
CA LEU A 96 11.94 18.62 22.07
C LEU A 96 12.53 18.42 23.46
N LEU A 97 13.38 19.34 23.90
CA LEU A 97 13.99 19.23 25.23
C LEU A 97 13.01 19.58 26.34
N VAL A 98 11.86 20.17 26.00
CA VAL A 98 10.88 20.55 27.01
C VAL A 98 9.68 19.61 27.03
N ASN A 99 9.46 18.83 25.98
CA ASN A 99 8.34 17.89 25.95
C ASN A 99 8.40 16.86 27.07
N PRO A 100 9.53 16.18 27.32
CA PRO A 100 9.57 15.24 28.44
C PRO A 100 9.29 15.89 29.79
N PHE A 101 9.66 17.15 29.97
CA PHE A 101 9.34 17.86 31.20
C PHE A 101 7.92 18.40 31.23
N VAL A 102 7.23 18.41 30.10
CA VAL A 102 5.86 18.92 30.04
C VAL A 102 4.85 17.79 30.25
N GLY A 103 5.18 16.58 29.80
CA GLY A 103 4.29 15.44 29.91
C GLY A 103 3.86 15.16 31.33
N PRO A 104 4.81 14.77 32.18
CA PRO A 104 4.48 14.59 33.60
C PRO A 104 4.02 15.85 34.29
N LEU A 105 4.37 17.03 33.76
CA LEU A 105 3.90 18.27 34.35
C LEU A 105 2.38 18.39 34.26
N THR A 106 1.80 17.97 33.14
CA THR A 106 0.35 18.02 32.98
C THR A 106 -0.37 17.06 33.91
N ASN A 107 0.34 16.11 34.51
CA ASN A 107 -0.25 15.17 35.44
C ASN A 107 -0.46 15.77 36.83
N ARG A 108 0.01 16.99 37.08
CA ARG A 108 -0.09 17.60 38.40
C ARG A 108 -0.69 19.00 38.41
N ILE A 109 -0.89 19.63 37.26
CA ILE A 109 -1.42 21.00 37.23
C ILE A 109 -2.59 21.11 36.27
N GLY A 110 -2.87 20.03 35.53
CA GLY A 110 -3.96 20.06 34.57
C GLY A 110 -3.56 20.72 33.27
N TYR A 111 -4.50 20.70 32.32
CA TYR A 111 -4.26 21.24 30.99
C TYR A 111 -4.53 22.73 30.87
N HIS A 112 -5.11 23.35 31.90
CA HIS A 112 -5.53 24.75 31.79
C HIS A 112 -4.33 25.70 31.93
N ILE A 113 -3.58 25.56 33.04
CA ILE A 113 -2.45 26.47 33.29
C ILE A 113 -1.38 26.36 32.21
N PRO A 114 -0.97 25.17 31.77
CA PRO A 114 -0.03 25.11 30.64
C PRO A 114 -0.55 25.80 29.40
N MET A 115 -1.85 25.69 29.12
CA MET A 115 -2.42 26.37 27.95
C MET A 115 -2.36 27.89 28.12
N PHE A 116 -2.66 28.38 29.31
CA PHE A 116 -2.56 29.82 29.57
C PHE A 116 -1.12 30.30 29.44
N ALA A 117 -0.17 29.49 29.91
CA ALA A 117 1.24 29.83 29.76
C ALA A 117 1.64 29.87 28.30
N GLY A 118 1.15 28.90 27.51
CA GLY A 118 1.41 28.93 26.08
C GLY A 118 0.84 30.16 25.41
N PHE A 119 -0.35 30.59 25.84
CA PHE A 119 -0.93 31.83 25.36
C PHE A 119 -0.03 33.02 25.70
N VAL A 120 0.46 33.08 26.94
CA VAL A 120 1.30 34.19 27.36
C VAL A 120 2.59 34.23 26.56
N ILE A 121 3.20 33.07 26.33
CA ILE A 121 4.43 33.01 25.56
C ILE A 121 4.17 33.36 24.10
N MET A 122 3.01 32.98 23.56
CA MET A 122 2.60 33.42 22.23
C MET A 122 2.54 34.93 22.14
N PHE A 123 1.89 35.57 23.12
CA PHE A 123 1.81 37.02 23.16
C PHE A 123 3.20 37.64 23.21
N LEU A 124 4.06 37.14 24.10
CA LEU A 124 5.40 37.71 24.24
C LEU A 124 6.21 37.53 22.98
N SER A 125 6.13 36.35 22.35
CA SER A 125 6.90 36.10 21.14
C SER A 125 6.46 37.02 20.00
N THR A 126 5.14 37.14 19.81
CA THR A 126 4.67 37.99 18.71
C THR A 126 5.00 39.46 18.97
N VAL A 127 4.85 39.92 20.21
CA VAL A 127 5.15 41.32 20.49
C VAL A 127 6.64 41.60 20.36
N MET A 128 7.48 40.64 20.76
CA MET A 128 8.92 40.79 20.58
C MET A 128 9.28 40.82 19.11
N PHE A 129 8.64 39.98 18.30
CA PHE A 129 8.86 40.02 16.86
C PHE A 129 8.42 41.36 16.28
N ALA A 130 7.41 41.98 16.87
CA ALA A 130 6.92 43.26 16.36
C ALA A 130 7.93 44.40 16.54
N PHE A 131 8.89 44.26 17.45
CA PHE A 131 9.82 45.34 17.75
C PHE A 131 11.27 44.95 17.50
N SER A 132 11.68 43.75 17.88
CA SER A 132 13.08 43.36 17.78
C SER A 132 13.52 43.29 16.32
N GLY A 133 14.76 43.72 16.06
CA GLY A 133 15.29 43.75 14.72
C GLY A 133 16.71 43.25 14.58
N THR A 134 17.10 42.28 15.40
CA THR A 134 18.44 41.72 15.36
C THR A 134 18.35 40.20 15.37
N TYR A 135 19.45 39.57 14.96
CA TYR A 135 19.47 38.11 14.84
C TYR A 135 19.25 37.44 16.19
N THR A 136 19.93 37.92 17.23
CA THR A 136 19.79 37.30 18.54
C THR A 136 18.38 37.47 19.10
N LEU A 137 17.78 38.65 18.90
CA LEU A 137 16.42 38.88 19.38
C LEU A 137 15.43 38.00 18.64
N LEU A 138 15.59 37.86 17.33
CA LEU A 138 14.72 36.96 16.58
C LEU A 138 14.90 35.52 17.00
N PHE A 139 16.13 35.11 17.32
CA PHE A 139 16.36 33.75 17.81
C PHE A 139 15.66 33.54 19.14
N VAL A 140 15.74 34.52 20.05
CA VAL A 140 15.06 34.40 21.34
C VAL A 140 13.56 34.32 21.14
N ALA A 141 13.01 35.15 20.26
CA ALA A 141 11.58 35.11 19.98
C ALA A 141 11.17 33.76 19.41
N ARG A 142 11.99 33.20 18.52
CA ARG A 142 11.70 31.88 17.95
C ARG A 142 11.71 30.81 19.02
N THR A 143 12.67 30.85 19.94
CA THR A 143 12.72 29.86 21.01
C THR A 143 11.49 29.98 21.91
N LEU A 144 11.08 31.21 22.23
CA LEU A 144 9.88 31.41 23.03
C LEU A 144 8.65 30.88 22.30
N GLN A 145 8.55 31.15 21.00
CA GLN A 145 7.45 30.62 20.20
C GLN A 145 7.41 29.11 20.26
N GLY A 146 8.58 28.48 20.13
CA GLY A 146 8.63 27.02 20.18
C GLY A 146 8.18 26.46 21.51
N ILE A 147 8.66 27.04 22.61
CA ILE A 147 8.30 26.51 23.93
C ILE A 147 6.80 26.71 24.19
N GLY A 148 6.29 27.90 23.89
CA GLY A 148 4.87 28.15 24.07
C GLY A 148 4.01 27.25 23.19
N SER A 149 4.46 26.97 21.96
CA SER A 149 3.75 26.03 21.11
C SER A 149 3.78 24.63 21.71
N SER A 150 4.87 24.29 22.40
CA SER A 150 4.92 23.00 23.08
C SER A 150 3.82 22.89 24.11
N PHE A 151 3.71 23.87 25.02
CA PHE A 151 2.59 23.87 25.96
C PHE A 151 1.25 23.82 25.25
N SER A 152 1.05 24.67 24.24
CA SER A 152 -0.26 24.77 23.60
C SER A 152 -0.67 23.44 22.97
N SER A 153 0.21 22.86 22.15
CA SER A 153 -0.12 21.61 21.48
C SER A 153 -0.37 20.49 22.48
N VAL A 154 0.55 20.30 23.44
CA VAL A 154 0.42 19.17 24.36
C VAL A 154 -0.85 19.31 25.20
N ALA A 155 -1.05 20.48 25.80
CA ALA A 155 -2.22 20.67 26.66
C ALA A 155 -3.52 20.57 25.87
N GLY A 156 -3.56 21.17 24.67
CA GLY A 156 -4.79 21.13 23.90
C GLY A 156 -5.17 19.72 23.49
N LEU A 157 -4.20 18.95 22.97
CA LEU A 157 -4.50 17.59 22.57
C LEU A 157 -4.87 16.73 23.78
N GLY A 158 -4.17 16.93 24.91
CA GLY A 158 -4.50 16.16 26.10
C GLY A 158 -5.91 16.43 26.60
N MET A 159 -6.29 17.71 26.65
CA MET A 159 -7.64 18.04 27.13
C MET A 159 -8.70 17.60 26.14
N LEU A 160 -8.40 17.66 24.84
CA LEU A 160 -9.33 17.15 23.84
C LEU A 160 -9.56 15.66 24.03
N ALA A 161 -8.48 14.91 24.29
CA ALA A 161 -8.62 13.48 24.56
C ALA A 161 -9.40 13.24 25.85
N SER A 162 -9.14 14.05 26.88
CA SER A 162 -9.78 13.84 28.17
C SER A 162 -11.28 14.11 28.12
N VAL A 163 -11.68 15.21 27.47
CA VAL A 163 -13.09 15.61 27.50
C VAL A 163 -13.94 14.81 26.52
N TYR A 164 -13.33 14.11 25.58
CA TYR A 164 -14.05 13.22 24.66
C TYR A 164 -13.67 11.78 24.99
N THR A 165 -14.66 10.99 25.39
CA THR A 165 -14.41 9.61 25.80
C THR A 165 -14.93 8.58 24.82
N ASP A 166 -15.55 8.99 23.73
CA ASP A 166 -16.03 8.07 22.70
C ASP A 166 -15.07 8.11 21.52
N ASP A 167 -14.63 6.92 21.09
CA ASP A 167 -13.62 6.86 20.03
C ASP A 167 -14.13 7.45 18.72
N HIS A 168 -15.39 7.19 18.38
CA HIS A 168 -15.93 7.73 17.14
C HIS A 168 -16.02 9.24 17.18
N GLU A 169 -16.44 9.81 18.32
CA GLU A 169 -16.55 11.26 18.43
C GLU A 169 -15.17 11.90 18.57
N ARG A 170 -14.27 11.26 19.31
CA ARG A 170 -12.90 11.76 19.45
C ARG A 170 -12.10 11.65 18.17
N GLY A 171 -12.50 10.80 17.23
CA GLY A 171 -11.89 10.76 15.92
C GLY A 171 -12.32 11.87 15.01
N ARG A 172 -13.40 12.58 15.35
CA ARG A 172 -13.83 13.78 14.64
C ARG A 172 -13.40 15.07 15.32
N ALA A 173 -13.36 15.09 16.65
CA ALA A 173 -12.86 16.27 17.34
C ALA A 173 -11.39 16.54 16.99
N MET A 174 -10.56 15.50 17.05
CA MET A 174 -9.17 15.67 16.66
C MET A 174 -9.03 15.96 15.17
N GLY A 175 -9.93 15.41 14.36
CA GLY A 175 -9.93 15.74 12.94
C GLY A 175 -10.16 17.22 12.70
N THR A 176 -11.14 17.79 13.40
CA THR A 176 -11.39 19.22 13.24
C THR A 176 -10.27 20.06 13.85
N ALA A 177 -9.62 19.57 14.91
CA ALA A 177 -8.45 20.28 15.43
C ALA A 177 -7.33 20.33 14.40
N LEU A 178 -7.04 19.19 13.76
CA LEU A 178 -6.03 19.18 12.71
C LEU A 178 -6.46 20.01 11.51
N GLY A 179 -7.76 20.06 11.24
CA GLY A 179 -8.25 20.95 10.19
C GLY A 179 -7.97 22.41 10.52
N GLY A 180 -8.17 22.80 11.77
CA GLY A 180 -7.81 24.14 12.20
C GLY A 180 -6.32 24.40 12.08
N LEU A 181 -5.51 23.38 12.40
CA LEU A 181 -4.06 23.49 12.22
C LEU A 181 -3.72 23.76 10.76
N ALA A 182 -4.34 22.99 9.85
CA ALA A 182 -4.10 23.19 8.43
C ALA A 182 -4.57 24.55 7.97
N LEU A 183 -5.70 25.03 8.51
CA LEU A 183 -6.19 26.36 8.16
C LEU A 183 -5.20 27.44 8.61
N GLY A 184 -4.64 27.27 9.81
CA GLY A 184 -3.62 28.20 10.27
C GLY A 184 -2.39 28.20 9.38
N LEU A 185 -1.94 27.01 8.97
CA LEU A 185 -0.80 26.94 8.06
C LEU A 185 -1.13 27.58 6.72
N LEU A 186 -2.36 27.40 6.24
CA LEU A 186 -2.78 28.04 5.00
C LEU A 186 -2.74 29.55 5.11
N VAL A 187 -3.25 30.08 6.23
CA VAL A 187 -3.44 31.53 6.34
C VAL A 187 -2.19 32.25 6.84
N GLY A 188 -1.21 31.53 7.37
CA GLY A 188 -0.02 32.20 7.90
C GLY A 188 0.80 32.90 6.83
N ALA A 189 1.01 32.22 5.69
CA ALA A 189 1.92 32.77 4.67
C ALA A 189 1.34 34.00 4.00
N PRO A 190 0.16 33.95 3.37
CA PRO A 190 -0.36 35.16 2.69
C PRO A 190 -0.59 36.33 3.63
N PHE A 191 -0.97 36.06 4.89
CA PHE A 191 -1.18 37.11 5.87
C PHE A 191 0.05 37.97 6.03
N GLY A 192 1.14 37.34 6.50
CA GLY A 192 2.38 38.07 6.68
C GLY A 192 2.93 38.64 5.40
N SER A 193 2.78 37.90 4.29
CA SER A 193 3.29 38.38 3.02
C SER A 193 2.63 39.68 2.60
N VAL A 194 1.29 39.72 2.63
CA VAL A 194 0.57 40.90 2.17
C VAL A 194 0.78 42.07 3.13
N MET A 195 0.73 41.83 4.44
CA MET A 195 0.89 42.97 5.32
C MET A 195 2.35 43.34 5.59
N TYR A 196 3.31 42.59 5.05
CA TYR A 196 4.67 43.10 4.95
C TYR A 196 4.90 43.82 3.64
N GLU A 197 4.18 43.45 2.59
CA GLU A 197 4.28 44.18 1.33
C GLU A 197 3.57 45.52 1.40
N PHE A 198 2.78 45.73 2.45
CA PHE A 198 2.00 46.99 2.46
C PHE A 198 2.00 47.68 3.82
N VAL A 199 1.26 47.15 4.81
CA VAL A 199 1.08 47.89 6.10
C VAL A 199 2.38 48.15 6.88
N GLY A 200 3.30 47.18 6.97
CA GLY A 200 4.58 47.35 7.71
C GLY A 200 4.94 46.11 8.52
N LYS A 201 6.20 45.97 8.94
CA LYS A 201 6.65 44.71 9.59
C LYS A 201 5.92 44.47 10.90
N SER A 202 5.72 45.51 11.68
CA SER A 202 5.11 45.24 13.00
C SER A 202 3.62 45.11 12.83
N ALA A 203 3.10 45.25 11.60
CA ALA A 203 1.65 45.19 11.55
C ALA A 203 1.12 43.78 11.79
N PRO A 204 1.51 42.75 11.01
CA PRO A 204 0.93 41.42 11.22
C PRO A 204 1.18 40.86 12.61
N PHE A 205 2.35 41.11 13.17
CA PHE A 205 2.61 40.65 14.53
C PHE A 205 1.70 41.34 15.54
N LEU A 206 1.45 42.64 15.36
CA LEU A 206 0.52 43.34 16.24
C LEU A 206 -0.89 42.79 16.12
N ILE A 207 -1.33 42.51 14.88
CA ILE A 207 -2.68 41.96 14.70
C ILE A 207 -2.78 40.59 15.35
N LEU A 208 -1.75 39.76 15.18
CA LEU A 208 -1.73 38.45 15.84
C LEU A 208 -1.72 38.60 17.36
N ALA A 209 -1.07 39.64 17.88
CA ALA A 209 -1.11 39.89 19.32
C ALA A 209 -2.51 40.26 19.77
N PHE A 210 -3.22 41.07 18.98
CA PHE A 210 -4.61 41.41 19.33
C PHE A 210 -5.49 40.16 19.31
N LEU A 211 -5.31 39.31 18.30
CA LEU A 211 -6.05 38.05 18.27
C LEU A 211 -5.68 37.17 19.45
N ALA A 212 -4.42 37.23 19.89
CA ALA A 212 -4.03 36.50 21.09
C ALA A 212 -4.73 37.04 22.33
N LEU A 213 -4.90 38.36 22.41
CA LEU A 213 -5.67 38.94 23.51
C LEU A 213 -7.10 38.44 23.48
N LEU A 214 -7.70 38.37 22.29
CA LEU A 214 -9.03 37.79 22.16
C LEU A 214 -9.04 36.34 22.62
N ASP A 215 -7.98 35.59 22.29
CA ASP A 215 -7.86 34.21 22.73
C ASP A 215 -7.78 34.11 24.25
N GLY A 216 -7.04 35.03 24.88
CA GLY A 216 -6.96 35.04 26.33
C GLY A 216 -8.30 35.34 26.97
N ALA A 217 -9.06 36.27 26.38
CA ALA A 217 -10.41 36.52 26.86
C ALA A 217 -11.28 35.27 26.73
N LEU A 218 -11.17 34.58 25.59
CA LEU A 218 -11.95 33.36 25.38
C LEU A 218 -11.58 32.29 26.39
N GLN A 219 -10.29 32.15 26.69
CA GLN A 219 -9.85 31.14 27.64
C GLN A 219 -10.24 31.51 29.06
N LEU A 220 -10.27 32.81 29.40
CA LEU A 220 -10.82 33.22 30.68
C LEU A 220 -12.30 32.88 30.76
N CYS A 221 -13.00 32.99 29.63
CA CYS A 221 -14.44 32.71 29.61
C CYS A 221 -14.72 31.23 29.80
N ILE A 222 -14.04 30.36 29.05
CA ILE A 222 -14.42 28.96 28.95
C ILE A 222 -13.37 28.02 29.53
N LEU A 223 -12.08 28.30 29.34
CA LEU A 223 -11.03 27.38 29.75
C LEU A 223 -10.68 27.48 31.23
N GLN A 224 -11.01 28.60 31.86
CA GLN A 224 -10.74 28.83 33.31
C GLN A 224 -9.27 28.67 33.69
N PRO A 225 -8.30 29.51 33.27
CA PRO A 225 -6.92 29.35 33.70
C PRO A 225 -6.73 30.05 35.03
N SER A 226 -7.27 29.48 36.11
CA SER A 226 -7.15 30.21 37.38
C SER A 226 -6.52 29.33 38.46
N LYS A 227 -6.79 28.04 38.41
CA LYS A 227 -6.34 27.19 39.50
C LYS A 227 -5.72 25.92 38.94
N VAL A 228 -4.81 25.34 39.72
CA VAL A 228 -4.09 24.12 39.35
C VAL A 228 -4.82 22.94 39.97
N SER A 229 -5.25 21.99 39.14
CA SER A 229 -5.95 20.80 39.59
C SER A 229 -5.20 19.58 39.08
N PRO A 230 -4.59 18.78 39.94
CA PRO A 230 -3.90 17.57 39.47
C PRO A 230 -4.88 16.54 38.94
N GLU A 231 -4.37 15.72 38.01
CA GLU A 231 -5.18 14.66 37.43
C GLU A 231 -5.39 13.55 38.44
N SER A 232 -6.65 13.11 38.58
CA SER A 232 -6.97 12.08 39.57
C SER A 232 -6.25 10.77 39.25
N ALA A 233 -6.24 10.37 37.98
CA ALA A 233 -5.51 9.20 37.56
C ALA A 233 -4.01 9.52 37.47
N LYS A 234 -3.19 8.56 37.89
CA LYS A 234 -1.74 8.72 37.84
C LYS A 234 -1.24 8.14 36.53
N GLY A 235 -0.74 9.00 35.65
CA GLY A 235 -0.26 8.53 34.36
C GLY A 235 0.97 7.65 34.51
N THR A 236 1.10 6.71 33.59
CA THR A 236 2.26 5.83 33.59
C THR A 236 3.50 6.62 33.18
N PRO A 237 4.67 6.23 33.69
CA PRO A 237 5.91 6.95 33.34
C PRO A 237 6.22 6.83 31.86
N LEU A 238 6.96 7.82 31.35
CA LEU A 238 7.25 7.86 29.92
C LEU A 238 8.11 6.68 29.50
N PHE A 239 9.02 6.23 30.37
CA PHE A 239 9.91 5.13 30.02
C PHE A 239 9.31 3.75 30.23
N MET A 240 8.11 3.64 30.81
CA MET A 240 7.27 2.46 30.53
C MET A 240 6.68 2.53 29.13
N LEU A 241 6.15 3.70 28.75
CA LEU A 241 5.45 3.82 27.48
C LEU A 241 6.40 3.66 26.29
N LEU A 242 7.67 4.01 26.47
CA LEU A 242 8.64 3.84 25.39
C LEU A 242 8.96 2.36 25.17
N LYS A 243 8.65 1.49 26.11
CA LYS A 243 8.88 0.07 25.97
C LYS A 243 7.68 -0.68 25.40
N ASP A 244 6.59 0.02 25.10
CA ASP A 244 5.41 -0.60 24.51
C ASP A 244 5.50 -0.52 23.00
N PRO A 245 5.62 -1.64 22.28
CA PRO A 245 5.79 -1.57 20.82
C PRO A 245 4.60 -0.96 20.09
N TYR A 246 3.40 -0.96 20.67
CA TYR A 246 2.25 -0.37 19.99
C TYR A 246 2.37 1.15 19.93
N ILE A 247 2.65 1.77 21.08
CA ILE A 247 2.85 3.22 21.11
C ILE A 247 4.09 3.59 20.30
N LEU A 248 5.12 2.75 20.35
CA LEU A 248 6.29 2.99 19.52
C LEU A 248 5.94 2.97 18.04
N VAL A 249 5.08 2.02 17.64
CA VAL A 249 4.69 1.93 16.23
C VAL A 249 3.89 3.16 15.82
N ALA A 250 2.94 3.57 16.66
CA ALA A 250 2.12 4.73 16.32
C ALA A 250 2.96 6.01 16.23
N ALA A 251 3.80 6.24 17.25
CA ALA A 251 4.68 7.39 17.25
C ALA A 251 5.63 7.36 16.06
N GLY A 252 6.11 6.16 15.71
CA GLY A 252 7.01 6.04 14.57
C GLY A 252 6.32 6.38 13.26
N SER A 253 5.08 5.92 13.09
CA SER A 253 4.34 6.26 11.87
C SER A 253 4.14 7.77 11.75
N ILE A 254 3.72 8.40 12.86
CA ILE A 254 3.53 9.85 12.84
C ILE A 254 4.84 10.55 12.54
N CYS A 255 5.92 10.12 13.20
CA CYS A 255 7.21 10.78 13.04
C CYS A 255 7.74 10.61 11.62
N PHE A 256 7.53 9.44 11.01
CA PHE A 256 8.06 9.21 9.68
C PHE A 256 7.27 9.97 8.63
N ALA A 257 5.94 10.03 8.75
CA ALA A 257 5.17 10.85 7.81
C ALA A 257 5.53 12.33 7.96
N ASN A 258 5.61 12.82 9.19
CA ASN A 258 5.95 14.21 9.38
C ASN A 258 7.41 14.49 9.03
N MET A 259 8.27 13.47 9.07
CA MET A 259 9.62 13.65 8.55
C MET A 259 9.61 13.75 7.04
N GLY A 260 8.76 12.97 6.38
CA GLY A 260 8.61 13.09 4.94
C GLY A 260 8.17 14.49 4.53
N VAL A 261 7.26 15.09 5.30
CA VAL A 261 6.87 16.47 4.98
C VAL A 261 7.95 17.46 5.40
N ALA A 262 8.55 17.27 6.57
CA ALA A 262 9.51 18.23 7.10
C ALA A 262 10.76 18.32 6.24
N ILE A 263 11.28 17.18 5.80
CA ILE A 263 12.47 17.19 4.94
C ILE A 263 12.13 17.85 3.61
N LEU A 264 10.91 17.66 3.13
CA LEU A 264 10.50 18.27 1.87
C LEU A 264 10.36 19.78 2.01
N GLU A 265 10.04 20.26 3.21
CA GLU A 265 9.76 21.68 3.43
C GLU A 265 10.91 22.59 2.98
N PRO A 266 12.11 22.51 3.57
CA PRO A 266 13.19 23.42 3.16
C PRO A 266 13.89 22.95 1.90
N THR A 267 14.02 21.63 1.73
CA THR A 267 14.77 21.10 0.60
C THR A 267 14.07 21.38 -0.73
N LEU A 268 12.75 21.44 -0.73
CA LEU A 268 12.02 21.66 -1.98
C LEU A 268 12.39 22.97 -2.67
N PRO A 269 12.39 24.12 -1.99
CA PRO A 269 12.72 25.38 -2.70
C PRO A 269 14.09 25.37 -3.35
N ILE A 270 15.09 24.77 -2.69
CA ILE A 270 16.43 24.70 -3.28
C ILE A 270 16.40 23.89 -4.56
N TRP A 271 15.71 22.75 -4.54
CA TRP A 271 15.58 21.94 -5.75
C TRP A 271 14.83 22.69 -6.84
N MET A 272 13.82 23.47 -6.46
CA MET A 272 13.09 24.26 -7.44
C MET A 272 14.01 25.26 -8.13
N MET A 273 14.78 26.02 -7.34
CA MET A 273 15.71 26.98 -7.94
C MET A 273 16.78 26.29 -8.77
N GLN A 274 17.17 25.07 -8.37
CA GLN A 274 18.23 24.38 -9.11
C GLN A 274 17.73 23.84 -10.44
N THR A 275 16.50 23.30 -10.47
CA THR A 275 16.00 22.61 -11.66
C THR A 275 15.10 23.48 -12.52
N MET A 276 14.00 23.99 -11.95
CA MET A 276 13.00 24.69 -12.76
C MET A 276 13.32 26.16 -12.97
N CYS A 277 14.09 26.78 -12.07
CA CYS A 277 14.47 28.18 -12.18
C CYS A 277 13.22 29.07 -12.22
N SER A 278 12.47 29.02 -11.13
CA SER A 278 11.17 29.67 -11.08
C SER A 278 11.21 30.94 -10.22
N PRO A 279 10.33 31.89 -10.48
CA PRO A 279 10.24 33.09 -9.63
C PRO A 279 9.86 32.74 -8.20
N LYS A 280 9.86 33.75 -7.35
CA LYS A 280 9.71 33.58 -5.91
C LYS A 280 8.25 33.58 -5.45
N TRP A 281 7.36 34.28 -6.16
CA TRP A 281 6.02 34.51 -5.66
C TRP A 281 5.21 33.22 -5.55
N GLN A 282 5.52 32.19 -6.33
CA GLN A 282 4.75 30.96 -6.34
C GLN A 282 5.40 29.83 -5.54
N LEU A 283 6.57 30.07 -4.96
CA LEU A 283 7.21 29.03 -4.17
C LEU A 283 6.39 28.67 -2.94
N GLY A 284 5.84 29.68 -2.25
CA GLY A 284 4.95 29.41 -1.15
C GLY A 284 3.65 28.77 -1.60
N LEU A 285 3.15 29.18 -2.76
CA LEU A 285 1.92 28.59 -3.31
C LEU A 285 2.13 27.13 -3.70
N ALA A 286 3.37 26.73 -3.94
CA ALA A 286 3.65 25.33 -4.25
C ALA A 286 3.19 24.41 -3.14
N PHE A 287 3.44 24.79 -1.88
CA PHE A 287 2.96 24.01 -0.75
C PHE A 287 1.48 24.25 -0.46
N LEU A 288 0.86 25.21 -1.13
CA LEU A 288 -0.57 25.47 -0.93
C LEU A 288 -1.45 24.25 -1.22
N PRO A 289 -1.26 23.53 -2.33
CA PRO A 289 -2.07 22.30 -2.54
C PRO A 289 -1.89 21.29 -1.43
N ALA A 290 -0.69 21.13 -0.90
CA ALA A 290 -0.46 20.17 0.16
C ALA A 290 -1.25 20.54 1.42
N SER A 291 -1.24 21.82 1.78
CA SER A 291 -1.97 22.26 2.97
C SER A 291 -3.47 22.19 2.78
N VAL A 292 -3.96 22.56 1.59
CA VAL A 292 -5.39 22.46 1.32
C VAL A 292 -5.85 21.01 1.38
N SER A 293 -5.07 20.12 0.77
CA SER A 293 -5.39 18.70 0.84
C SER A 293 -5.32 18.20 2.26
N TYR A 294 -4.38 18.72 3.06
CA TYR A 294 -4.30 18.31 4.46
C TYR A 294 -5.57 18.71 5.21
N LEU A 295 -6.07 19.92 4.98
CA LEU A 295 -7.30 20.36 5.65
C LEU A 295 -8.49 19.49 5.24
N ILE A 296 -8.66 19.29 3.92
CA ILE A 296 -9.77 18.50 3.42
C ILE A 296 -9.68 17.08 3.97
N GLY A 297 -8.49 16.49 3.91
CA GLY A 297 -8.32 15.13 4.36
C GLY A 297 -8.52 14.96 5.85
N THR A 298 -8.02 15.89 6.65
CA THR A 298 -8.18 15.75 8.09
C THR A 298 -9.66 15.82 8.47
N ASN A 299 -10.40 16.77 7.89
CA ASN A 299 -11.84 16.81 8.20
C ASN A 299 -12.56 15.55 7.72
N LEU A 300 -12.38 15.20 6.44
CA LEU A 300 -13.12 14.09 5.86
C LEU A 300 -12.77 12.77 6.54
N PHE A 301 -11.50 12.57 6.87
CA PHE A 301 -11.08 11.28 7.43
C PHE A 301 -11.28 11.22 8.92
N GLY A 302 -11.30 12.35 9.63
CA GLY A 302 -11.86 12.34 10.97
C GLY A 302 -13.31 11.91 10.95
N VAL A 303 -14.03 12.25 9.88
CA VAL A 303 -15.39 11.72 9.71
C VAL A 303 -15.36 10.22 9.43
N LEU A 304 -14.47 9.79 8.52
CA LEU A 304 -14.64 8.51 7.82
C LEU A 304 -13.82 7.35 8.38
N ALA A 305 -12.60 7.58 8.88
CA ALA A 305 -11.70 6.47 9.21
C ALA A 305 -12.22 5.61 10.34
N ASN A 306 -13.16 6.11 11.15
CA ASN A 306 -13.70 5.30 12.22
C ASN A 306 -14.48 4.11 11.65
N LYS A 307 -15.20 4.32 10.55
CA LYS A 307 -15.89 3.22 9.89
C LYS A 307 -15.00 2.52 8.86
N MET A 308 -14.06 3.26 8.26
CA MET A 308 -13.16 2.63 7.30
C MET A 308 -12.23 1.62 7.97
N GLY A 309 -11.75 1.92 9.17
CA GLY A 309 -10.76 1.08 9.83
C GLY A 309 -9.48 1.84 10.09
N ARG A 310 -9.10 1.97 11.37
CA ARG A 310 -7.97 2.82 11.72
C ARG A 310 -6.66 2.27 11.18
N TRP A 311 -6.44 0.95 11.34
CA TRP A 311 -5.20 0.35 10.86
C TRP A 311 -5.09 0.47 9.36
N LEU A 312 -6.19 0.25 8.64
CA LEU A 312 -6.17 0.37 7.19
C LEU A 312 -5.94 1.81 6.77
N CYS A 313 -6.55 2.76 7.50
CA CYS A 313 -6.34 4.16 7.19
C CYS A 313 -4.88 4.53 7.32
N SER A 314 -4.25 4.13 8.42
CA SER A 314 -2.83 4.43 8.61
C SER A 314 -1.97 3.75 7.55
N LEU A 315 -2.29 2.49 7.22
CA LEU A 315 -1.48 1.76 6.24
C LEU A 315 -1.55 2.40 4.87
N ILE A 316 -2.76 2.67 4.37
CA ILE A 316 -2.88 3.30 3.06
C ILE A 316 -2.31 4.70 3.09
N GLY A 317 -2.44 5.42 4.21
CA GLY A 317 -1.85 6.74 4.29
C GLY A 317 -0.34 6.73 4.16
N MET A 318 0.31 5.80 4.86
CA MET A 318 1.76 5.68 4.73
C MET A 318 2.16 5.25 3.32
N LEU A 319 1.36 4.36 2.72
CA LEU A 319 1.66 3.93 1.36
C LEU A 319 1.59 5.09 0.37
N VAL A 320 0.57 5.94 0.50
CA VAL A 320 0.45 7.07 -0.42
C VAL A 320 1.51 8.12 -0.09
N VAL A 321 1.92 8.24 1.18
CA VAL A 321 3.04 9.12 1.51
C VAL A 321 4.29 8.66 0.77
N GLY A 322 4.56 7.36 0.82
CA GLY A 322 5.73 6.83 0.14
C GLY A 322 5.67 7.03 -1.36
N THR A 323 4.52 6.74 -1.97
CA THR A 323 4.38 6.88 -3.41
C THR A 323 4.51 8.34 -3.83
N SER A 324 3.89 9.25 -3.07
CA SER A 324 3.99 10.67 -3.38
C SER A 324 5.42 11.17 -3.26
N LEU A 325 6.13 10.73 -2.22
CA LEU A 325 7.52 11.15 -2.07
C LEU A 325 8.39 10.59 -3.17
N LEU A 326 8.08 9.38 -3.65
CA LEU A 326 8.81 8.84 -4.79
C LEU A 326 8.55 9.66 -6.05
N CYS A 327 7.30 10.07 -6.27
CA CYS A 327 6.95 10.80 -7.48
C CYS A 327 7.37 12.27 -7.43
N VAL A 328 7.58 12.82 -6.22
CA VAL A 328 7.89 14.24 -6.09
C VAL A 328 9.17 14.64 -6.82
N PRO A 329 10.29 13.93 -6.68
CA PRO A 329 11.51 14.35 -7.38
C PRO A 329 11.52 14.00 -8.86
N LEU A 330 10.37 13.61 -9.40
CA LEU A 330 10.23 13.34 -10.82
C LEU A 330 9.51 14.45 -11.58
N ALA A 331 8.90 15.41 -10.88
CA ALA A 331 8.18 16.48 -11.55
C ALA A 331 9.14 17.40 -12.28
N HIS A 332 8.73 17.84 -13.48
CA HIS A 332 9.57 18.69 -14.31
C HIS A 332 9.11 20.14 -14.36
N ASN A 333 8.01 20.47 -13.70
CA ASN A 333 7.52 21.84 -13.66
C ASN A 333 6.68 22.04 -12.40
N ILE A 334 6.28 23.29 -12.16
CA ILE A 334 5.49 23.60 -10.96
C ILE A 334 4.14 22.89 -11.01
N PHE A 335 3.56 22.75 -12.20
CA PHE A 335 2.30 22.03 -12.31
C PHE A 335 2.45 20.56 -11.96
N GLY A 336 3.63 19.99 -12.22
CA GLY A 336 3.84 18.59 -11.93
C GLY A 336 3.85 18.25 -10.45
N LEU A 337 4.05 19.25 -9.60
CA LEU A 337 4.07 19.04 -8.16
C LEU A 337 2.69 19.16 -7.53
N ILE A 338 1.67 19.53 -8.31
CA ILE A 338 0.32 19.62 -7.75
C ILE A 338 -0.19 18.25 -7.33
N GLY A 339 0.05 17.24 -8.16
CA GLY A 339 -0.42 15.90 -7.89
C GLY A 339 0.26 15.24 -6.72
N PRO A 340 1.59 15.06 -6.80
CA PRO A 340 2.31 14.44 -5.69
C PRO A 340 2.18 15.18 -4.39
N ASN A 341 2.23 16.52 -4.41
CA ASN A 341 2.10 17.27 -3.16
C ASN A 341 0.70 17.15 -2.59
N ALA A 342 -0.33 17.17 -3.44
CA ALA A 342 -1.69 16.98 -2.96
C ALA A 342 -1.86 15.62 -2.34
N GLY A 343 -1.33 14.58 -3.00
CA GLY A 343 -1.40 13.25 -2.42
C GLY A 343 -0.65 13.14 -1.12
N LEU A 344 0.52 13.77 -1.02
CA LEU A 344 1.30 13.74 0.20
C LEU A 344 0.54 14.43 1.34
N GLY A 345 -0.06 15.58 1.05
CA GLY A 345 -0.81 16.28 2.07
C GLY A 345 -2.02 15.49 2.55
N LEU A 346 -2.77 14.91 1.60
CA LEU A 346 -3.90 14.08 1.96
C LEU A 346 -3.45 12.87 2.78
N ALA A 347 -2.31 12.29 2.41
CA ALA A 347 -1.80 11.12 3.13
C ALA A 347 -1.37 11.48 4.54
N ILE A 348 -0.71 12.64 4.72
CA ILE A 348 -0.29 13.03 6.05
C ILE A 348 -1.50 13.38 6.91
N GLY A 349 -2.53 13.99 6.30
CA GLY A 349 -3.77 14.19 7.03
C GLY A 349 -4.41 12.88 7.43
N MET A 350 -4.36 11.89 6.54
CA MET A 350 -4.88 10.56 6.86
C MET A 350 -4.15 9.96 8.05
N VAL A 351 -2.81 10.00 8.00
CA VAL A 351 -2.00 9.41 9.08
C VAL A 351 -2.26 10.13 10.39
N ASP A 352 -2.32 11.47 10.35
CA ASP A 352 -2.55 12.23 11.57
C ASP A 352 -3.92 11.94 12.15
N SER A 353 -4.98 12.04 11.34
CA SER A 353 -6.32 11.83 11.85
C SER A 353 -6.60 10.38 12.19
N SER A 354 -5.79 9.43 11.72
CA SER A 354 -5.99 8.03 12.03
C SER A 354 -5.16 7.55 13.20
N MET A 355 -4.00 8.17 13.45
CA MET A 355 -3.15 7.79 14.56
C MET A 355 -3.29 8.68 15.78
N MET A 356 -3.84 9.89 15.62
CA MET A 356 -4.07 10.75 16.78
C MET A 356 -5.06 10.12 17.75
N PRO A 357 -6.22 9.63 17.33
CA PRO A 357 -7.07 8.86 18.25
C PRO A 357 -6.57 7.45 18.50
N ILE A 358 -5.69 6.92 17.65
CA ILE A 358 -5.17 5.57 17.88
C ILE A 358 -4.31 5.55 19.13
N MET A 359 -3.59 6.65 19.41
CA MET A 359 -2.82 6.73 20.64
C MET A 359 -3.73 6.69 21.86
N GLY A 360 -4.84 7.42 21.82
CA GLY A 360 -5.79 7.38 22.91
C GLY A 360 -6.41 6.01 23.07
N HIS A 361 -6.75 5.36 21.95
CA HIS A 361 -7.30 4.01 22.03
C HIS A 361 -6.29 3.04 22.64
N LEU A 362 -5.02 3.15 22.25
CA LEU A 362 -3.99 2.28 22.81
C LEU A 362 -3.84 2.51 24.31
N VAL A 363 -3.76 3.78 24.73
CA VAL A 363 -3.54 4.07 26.14
C VAL A 363 -4.75 3.63 26.96
N ASP A 364 -5.95 3.75 26.40
CA ASP A 364 -7.14 3.28 27.11
C ASP A 364 -7.20 1.76 27.16
N LEU A 365 -6.71 1.08 26.12
CA LEU A 365 -6.78 -0.38 26.07
C LEU A 365 -5.77 -1.01 27.01
N ARG A 366 -4.55 -0.49 27.07
CA ARG A 366 -3.49 -1.09 27.86
C ARG A 366 -3.18 -0.33 29.13
N HIS A 367 -2.85 0.95 29.03
CA HIS A 367 -2.37 1.72 30.17
C HIS A 367 -3.54 2.44 30.85
N THR A 368 -3.23 3.36 31.76
CA THR A 368 -4.25 4.09 32.49
C THR A 368 -4.80 5.24 31.65
N SER A 369 -5.87 5.86 32.15
CA SER A 369 -6.55 6.94 31.44
C SER A 369 -5.96 8.31 31.77
N VAL A 370 -4.64 8.43 31.62
CA VAL A 370 -3.93 9.70 31.71
C VAL A 370 -3.27 9.95 30.36
N TYR A 371 -3.53 11.12 29.79
CA TYR A 371 -3.30 11.32 28.38
C TYR A 371 -2.08 12.19 28.07
N GLY A 372 -1.42 12.74 29.10
CA GLY A 372 -0.34 13.67 28.84
C GLY A 372 0.87 13.05 28.18
N SER A 373 1.28 11.87 28.65
CA SER A 373 2.56 11.31 28.21
C SER A 373 2.50 10.81 26.77
N VAL A 374 1.39 10.20 26.37
CA VAL A 374 1.27 9.67 25.01
C VAL A 374 1.35 10.81 24.00
N TYR A 375 0.60 11.88 24.24
CA TYR A 375 0.66 13.02 23.34
C TYR A 375 1.97 13.79 23.48
N ALA A 376 2.63 13.70 24.64
CA ALA A 376 3.99 14.22 24.73
C ALA A 376 4.91 13.48 23.76
N ILE A 377 4.79 12.16 23.70
CA ILE A 377 5.60 11.37 22.76
C ILE A 377 5.23 11.73 21.32
N ALA A 378 3.93 11.88 21.04
CA ALA A 378 3.49 12.21 19.69
C ALA A 378 4.03 13.57 19.25
N ASP A 379 3.92 14.58 20.11
CA ASP A 379 4.48 15.89 19.80
C ASP A 379 5.99 15.84 19.72
N VAL A 380 6.63 14.94 20.47
CA VAL A 380 8.07 14.74 20.34
C VAL A 380 8.41 14.23 18.95
N ALA A 381 7.61 13.29 18.44
CA ALA A 381 7.81 12.81 17.07
C ALA A 381 7.65 13.94 16.06
N PHE A 382 6.55 14.70 16.21
CA PHE A 382 6.31 15.88 15.37
C PHE A 382 7.52 16.80 15.36
N CYS A 383 8.00 17.14 16.55
CA CYS A 383 9.01 18.18 16.68
C CYS A 383 10.39 17.68 16.30
N MET A 384 10.68 16.40 16.54
CA MET A 384 11.94 15.83 16.07
C MET A 384 11.97 15.78 14.54
N GLY A 385 10.87 15.41 13.91
CA GLY A 385 10.79 15.50 12.46
C GLY A 385 10.97 16.92 11.98
N PHE A 386 10.41 17.89 12.71
CA PHE A 386 10.58 19.29 12.34
C PHE A 386 12.02 19.72 12.47
N ALA A 387 12.72 19.26 13.51
CA ALA A 387 14.08 19.71 13.79
C ALA A 387 15.08 19.09 12.82
N ILE A 388 14.94 17.80 12.51
CA ILE A 388 15.91 17.12 11.66
C ILE A 388 15.93 17.69 10.25
N GLY A 389 14.85 18.33 9.80
CA GLY A 389 14.72 18.77 8.44
C GLY A 389 15.64 19.90 8.04
N PRO A 390 15.43 21.10 8.59
CA PRO A 390 16.13 22.28 8.07
C PRO A 390 17.59 22.35 8.48
N SER A 391 17.95 21.87 9.66
CA SER A 391 19.33 22.00 10.12
C SER A 391 20.26 21.04 9.38
N THR A 392 19.73 19.96 8.82
CA THR A 392 20.54 18.94 8.16
C THR A 392 20.21 18.75 6.69
N GLY A 393 19.23 19.48 6.15
CA GLY A 393 18.84 19.27 4.77
C GLY A 393 19.93 19.61 3.78
N GLY A 394 20.64 20.72 4.01
CA GLY A 394 21.72 21.09 3.12
C GLY A 394 22.83 20.05 3.09
N ALA A 395 23.24 19.58 4.26
CA ALA A 395 24.27 18.56 4.33
C ALA A 395 23.81 17.26 3.66
N ILE A 396 22.57 16.85 3.90
CA ILE A 396 22.07 15.61 3.30
C ILE A 396 22.03 15.73 1.78
N VAL A 397 21.57 16.88 1.28
CA VAL A 397 21.53 17.08 -0.17
C VAL A 397 22.93 17.07 -0.76
N LYS A 398 23.88 17.73 -0.09
CA LYS A 398 25.25 17.76 -0.60
C LYS A 398 25.90 16.38 -0.56
N ALA A 399 25.52 15.54 0.40
CA ALA A 399 26.12 14.22 0.51
C ALA A 399 25.51 13.23 -0.47
N ILE A 400 24.20 12.97 -0.34
CA ILE A 400 23.54 11.97 -1.16
C ILE A 400 22.71 12.58 -2.28
N GLY A 401 22.06 13.71 -2.06
CA GLY A 401 21.23 14.32 -3.08
C GLY A 401 19.75 14.28 -2.71
N PHE A 402 19.01 15.25 -3.24
CA PHE A 402 17.58 15.34 -2.93
C PHE A 402 16.79 14.13 -3.43
N PRO A 403 16.93 13.68 -4.69
CA PRO A 403 16.16 12.50 -5.12
C PRO A 403 16.43 11.25 -4.29
N TRP A 404 17.68 11.01 -3.91
CA TRP A 404 17.97 9.85 -3.08
C TRP A 404 17.43 10.02 -1.67
N LEU A 405 17.40 11.25 -1.16
CA LEU A 405 16.79 11.51 0.14
C LEU A 405 15.31 11.19 0.12
N MET A 406 14.61 11.65 -0.93
CA MET A 406 13.18 11.35 -1.06
C MET A 406 12.95 9.87 -1.24
N VAL A 407 13.80 9.19 -2.02
CA VAL A 407 13.64 7.76 -2.21
C VAL A 407 13.83 7.02 -0.90
N ILE A 408 14.82 7.42 -0.11
CA ILE A 408 15.05 6.78 1.19
C ILE A 408 13.86 7.00 2.11
N THR A 409 13.35 8.23 2.16
CA THR A 409 12.20 8.52 3.03
C THR A 409 10.97 7.72 2.60
N GLY A 410 10.70 7.69 1.30
CA GLY A 410 9.55 6.94 0.82
C GLY A 410 9.68 5.45 1.06
N VAL A 411 10.89 4.91 0.89
CA VAL A 411 11.09 3.49 1.12
C VAL A 411 10.93 3.16 2.60
N ILE A 412 11.41 4.05 3.47
CA ILE A 412 11.20 3.85 4.91
C ILE A 412 9.71 3.83 5.23
N ASN A 413 8.96 4.78 4.67
CA ASN A 413 7.52 4.83 4.92
C ASN A 413 6.84 3.56 4.41
N ILE A 414 7.19 3.11 3.22
CA ILE A 414 6.54 1.95 2.62
C ILE A 414 6.86 0.70 3.43
N VAL A 415 8.14 0.48 3.76
CA VAL A 415 8.53 -0.71 4.51
C VAL A 415 7.97 -0.66 5.92
N TYR A 416 7.74 0.53 6.46
CA TYR A 416 7.14 0.66 7.80
C TYR A 416 5.64 0.47 7.76
N ALA A 417 5.01 0.67 6.61
CA ALA A 417 3.56 0.57 6.48
C ALA A 417 2.98 -0.73 7.01
N PRO A 418 3.54 -1.92 6.69
CA PRO A 418 2.96 -3.15 7.25
C PRO A 418 2.98 -3.22 8.75
N LEU A 419 3.92 -2.53 9.41
CA LEU A 419 3.99 -2.59 10.87
C LEU A 419 2.76 -1.94 11.51
N CYS A 420 2.09 -1.05 10.78
CA CYS A 420 0.84 -0.46 11.29
C CYS A 420 -0.27 -1.50 11.43
N TYR A 421 -0.14 -2.65 10.76
CA TYR A 421 -1.06 -3.75 10.98
C TYR A 421 -1.00 -4.28 12.40
N TYR A 422 0.10 -4.02 13.11
CA TYR A 422 0.23 -4.46 14.50
C TYR A 422 -0.85 -3.82 15.38
N LEU A 423 -1.33 -2.64 15.01
CA LEU A 423 -2.34 -1.91 15.76
C LEU A 423 -3.76 -2.31 15.40
N ARG A 424 -3.94 -3.38 14.61
CA ARG A 424 -5.28 -3.82 14.23
C ARG A 424 -6.10 -4.19 15.45
N SER A 425 -5.48 -4.88 16.42
CA SER A 425 -6.18 -5.25 17.64
C SER A 425 -5.16 -5.52 18.74
N PRO A 426 -4.53 -4.48 19.29
CA PRO A 426 -3.58 -4.68 20.40
C PRO A 426 -4.28 -5.31 21.60
N PRO A 427 -3.63 -6.26 22.26
CA PRO A 427 -4.27 -6.91 23.40
C PRO A 427 -4.47 -5.95 24.56
N ALA A 428 -5.52 -6.21 25.34
CA ALA A 428 -5.87 -5.37 26.47
C ALA A 428 -5.02 -5.77 27.68
N LYS A 429 -5.37 -5.23 28.84
CA LYS A 429 -4.67 -5.50 30.09
C LYS A 429 -5.42 -6.53 30.91
N SER B 19 -9.02 -25.19 -42.00
CA SER B 19 -9.07 -23.74 -42.14
C SER B 19 -8.24 -23.12 -41.02
N ARG B 20 -7.75 -21.91 -41.28
CA ARG B 20 -6.95 -21.21 -40.27
C ARG B 20 -7.77 -20.93 -39.03
N GLN B 21 -9.05 -20.58 -39.18
CA GLN B 21 -9.91 -20.40 -38.03
C GLN B 21 -10.09 -21.69 -37.24
N LEU B 22 -9.98 -22.84 -37.93
CA LEU B 22 -10.05 -24.11 -37.23
C LEU B 22 -8.92 -24.28 -36.24
N VAL B 23 -7.70 -23.86 -36.63
CA VAL B 23 -6.57 -23.91 -35.72
C VAL B 23 -6.80 -22.96 -34.54
N LEU B 24 -7.40 -21.80 -34.81
CA LEU B 24 -7.72 -20.88 -33.73
C LEU B 24 -8.70 -21.50 -32.74
N VAL B 25 -9.74 -22.17 -33.26
CA VAL B 25 -10.74 -22.76 -32.36
C VAL B 25 -10.13 -23.94 -31.60
N VAL B 26 -9.24 -24.70 -32.23
CA VAL B 26 -8.66 -25.85 -31.52
C VAL B 26 -7.71 -25.38 -30.44
N VAL B 27 -6.90 -24.35 -30.72
CA VAL B 27 -6.02 -23.81 -29.68
C VAL B 27 -6.84 -23.19 -28.56
N PHE B 28 -7.92 -22.50 -28.90
CA PHE B 28 -8.82 -21.93 -27.90
C PHE B 28 -9.35 -23.03 -27.00
N VAL B 29 -9.84 -24.11 -27.60
CA VAL B 29 -10.39 -25.20 -26.80
C VAL B 29 -9.32 -25.87 -25.96
N ALA B 30 -8.11 -26.01 -26.49
CA ALA B 30 -7.04 -26.66 -25.75
C ALA B 30 -6.65 -25.85 -24.52
N LEU B 31 -6.40 -24.56 -24.70
CA LEU B 31 -6.05 -23.71 -23.57
C LEU B 31 -7.20 -23.61 -22.58
N LEU B 32 -8.44 -23.51 -23.08
CA LEU B 32 -9.60 -23.44 -22.20
C LEU B 32 -9.74 -24.71 -21.38
N LEU B 33 -9.53 -25.88 -22.00
CA LEU B 33 -9.62 -27.13 -21.27
C LEU B 33 -8.52 -27.27 -20.24
N ASP B 34 -7.30 -26.82 -20.59
CA ASP B 34 -6.20 -26.87 -19.62
C ASP B 34 -6.50 -26.01 -18.40
N ASN B 35 -6.93 -24.77 -18.63
CA ASN B 35 -7.26 -23.90 -17.51
C ASN B 35 -8.46 -24.42 -16.73
N MET B 36 -9.44 -24.98 -17.44
CA MET B 36 -10.62 -25.52 -16.79
C MET B 36 -10.26 -26.68 -15.87
N LEU B 37 -9.38 -27.57 -16.33
CA LEU B 37 -8.91 -28.67 -15.48
C LEU B 37 -8.15 -28.13 -14.28
N PHE B 38 -7.27 -27.16 -14.52
CA PHE B 38 -6.47 -26.59 -13.44
C PHE B 38 -7.35 -25.99 -12.35
N THR B 39 -8.38 -25.25 -12.75
CA THR B 39 -9.23 -24.57 -11.78
C THR B 39 -10.43 -25.40 -11.34
N VAL B 40 -10.65 -26.57 -11.95
CA VAL B 40 -11.71 -27.46 -11.50
C VAL B 40 -11.18 -28.51 -10.55
N VAL B 41 -9.88 -28.81 -10.61
CA VAL B 41 -9.24 -29.62 -9.58
C VAL B 41 -9.08 -28.87 -8.27
N VAL B 42 -9.34 -27.57 -8.28
CA VAL B 42 -9.13 -26.71 -7.10
C VAL B 42 -10.17 -27.01 -6.03
N PRO B 43 -11.47 -26.81 -6.27
CA PRO B 43 -12.47 -27.01 -5.21
C PRO B 43 -12.99 -28.43 -5.08
N ILE B 44 -12.39 -29.40 -5.78
CA ILE B 44 -12.81 -30.79 -5.72
C ILE B 44 -11.84 -31.63 -4.89
N VAL B 45 -10.53 -31.40 -5.06
CA VAL B 45 -9.53 -32.23 -4.37
C VAL B 45 -9.66 -32.16 -2.86
N PRO B 46 -9.75 -30.97 -2.24
CA PRO B 46 -10.02 -30.95 -0.79
C PRO B 46 -11.32 -31.63 -0.41
N THR B 47 -12.41 -31.31 -1.12
CA THR B 47 -13.69 -31.95 -0.83
C THR B 47 -13.64 -33.45 -1.11
N PHE B 48 -12.98 -33.85 -2.21
CA PHE B 48 -12.89 -35.26 -2.55
C PHE B 48 -12.12 -36.04 -1.48
N LEU B 49 -11.02 -35.48 -1.00
CA LEU B 49 -10.25 -36.13 0.05
C LEU B 49 -11.03 -36.18 1.35
N TYR B 50 -11.77 -35.11 1.67
CA TYR B 50 -12.56 -35.10 2.89
C TYR B 50 -13.68 -36.13 2.84
N ASP B 51 -14.25 -36.35 1.65
CA ASP B 51 -15.37 -37.29 1.53
C ASP B 51 -14.95 -38.71 1.85
N MET B 52 -13.73 -39.09 1.48
CA MET B 52 -13.26 -40.46 1.71
C MET B 52 -13.21 -40.77 3.20
N GLU B 53 -12.59 -39.88 3.98
CA GLU B 53 -12.52 -40.10 5.42
C GLU B 53 -13.90 -40.09 6.07
N PHE B 54 -14.76 -39.18 5.64
CA PHE B 54 -16.11 -39.08 6.18
C PHE B 54 -17.15 -39.10 5.07
N PHE B 76 -9.17 -32.25 10.25
CA PHE B 76 -8.03 -33.16 10.19
C PHE B 76 -7.18 -32.95 8.93
N LEU B 77 -7.42 -31.90 8.16
CA LEU B 77 -6.66 -31.67 6.93
C LEU B 77 -5.33 -30.98 7.19
N GLU B 78 -5.03 -30.62 8.44
CA GLU B 78 -3.75 -30.01 8.75
C GLU B 78 -2.59 -30.98 8.52
N GLU B 79 -2.83 -32.29 8.65
CA GLU B 79 -1.79 -33.27 8.41
C GLU B 79 -1.56 -33.50 6.92
N GLU B 80 -2.61 -33.41 6.11
CA GLU B 80 -2.51 -33.65 4.67
C GLU B 80 -2.32 -32.37 3.86
N ILE B 81 -2.27 -31.22 4.51
CA ILE B 81 -2.08 -29.97 3.78
C ILE B 81 -0.75 -29.96 3.04
N THR B 82 0.29 -30.54 3.63
CA THR B 82 1.59 -30.57 2.97
C THR B 82 1.53 -31.41 1.69
N ARG B 83 0.90 -32.57 1.76
CA ARG B 83 0.78 -33.41 0.57
C ARG B 83 -0.11 -32.76 -0.48
N VAL B 84 -1.15 -32.05 -0.04
CA VAL B 84 -2.01 -31.33 -0.99
C VAL B 84 -1.22 -30.24 -1.71
N GLY B 85 -0.39 -29.51 -0.96
CA GLY B 85 0.46 -28.50 -1.58
C GLY B 85 1.45 -29.10 -2.56
N VAL B 86 2.04 -30.24 -2.20
CA VAL B 86 2.97 -30.90 -3.12
C VAL B 86 2.24 -31.37 -4.37
N LEU B 87 1.02 -31.89 -4.21
CA LEU B 87 0.23 -32.30 -5.36
C LEU B 87 -0.06 -31.12 -6.27
N PHE B 88 -0.43 -29.97 -5.69
CA PHE B 88 -0.73 -28.80 -6.51
C PHE B 88 0.53 -28.24 -7.17
N ALA B 89 1.69 -28.42 -6.55
CA ALA B 89 2.94 -27.95 -7.13
C ALA B 89 3.55 -28.96 -8.11
N SER B 90 3.03 -30.18 -8.14
CA SER B 90 3.57 -31.20 -9.04
C SER B 90 3.48 -30.77 -10.50
N LYS B 91 2.35 -30.16 -10.89
CA LYS B 91 2.21 -29.72 -12.27
C LYS B 91 3.23 -28.66 -12.62
N ALA B 92 3.42 -27.68 -11.74
CA ALA B 92 4.40 -26.63 -12.01
C ALA B 92 5.81 -27.19 -12.10
N VAL B 93 6.16 -28.10 -11.18
CA VAL B 93 7.50 -28.69 -11.19
C VAL B 93 7.73 -29.47 -12.48
N MET B 94 6.75 -30.29 -12.86
CA MET B 94 6.92 -31.13 -14.04
C MET B 94 6.98 -30.27 -15.30
N GLN B 95 6.16 -29.22 -15.37
CA GLN B 95 6.20 -28.32 -16.52
C GLN B 95 7.54 -27.61 -16.61
N LEU B 96 8.08 -27.18 -15.47
CA LEU B 96 9.41 -26.57 -15.46
C LEU B 96 10.47 -27.53 -15.97
N LEU B 97 10.38 -28.79 -15.55
CA LEU B 97 11.35 -29.78 -16.01
C LEU B 97 11.25 -30.01 -17.51
N VAL B 98 10.03 -30.11 -18.05
CA VAL B 98 9.86 -30.49 -19.46
C VAL B 98 9.84 -29.31 -20.42
N ASN B 99 9.84 -28.07 -19.92
CA ASN B 99 9.80 -26.92 -20.82
C ASN B 99 10.98 -26.86 -21.78
N PRO B 100 12.24 -26.99 -21.34
CA PRO B 100 13.36 -26.86 -22.29
C PRO B 100 13.36 -27.88 -23.41
N PHE B 101 12.88 -29.10 -23.16
CA PHE B 101 12.94 -30.14 -24.18
C PHE B 101 11.93 -29.91 -25.28
N VAL B 102 10.81 -29.24 -24.99
CA VAL B 102 9.72 -29.13 -25.96
C VAL B 102 10.16 -28.34 -27.18
N GLY B 103 11.01 -27.32 -26.98
CA GLY B 103 11.51 -26.53 -28.07
C GLY B 103 12.23 -27.36 -29.12
N PRO B 104 13.34 -27.99 -28.73
CA PRO B 104 14.00 -28.93 -29.65
C PRO B 104 13.10 -30.09 -30.06
N LEU B 105 12.22 -30.55 -29.16
CA LEU B 105 11.29 -31.61 -29.51
C LEU B 105 10.32 -31.15 -30.60
N THR B 106 9.80 -29.92 -30.48
CA THR B 106 8.94 -29.38 -31.53
C THR B 106 9.72 -29.22 -32.84
N ASN B 107 10.98 -28.80 -32.74
CA ASN B 107 11.78 -28.64 -33.96
C ASN B 107 12.01 -29.99 -34.64
N ARG B 108 12.21 -31.05 -33.86
CA ARG B 108 12.60 -32.33 -34.43
C ARG B 108 11.44 -32.99 -35.18
N ILE B 109 10.25 -33.01 -34.58
CA ILE B 109 9.13 -33.79 -35.11
C ILE B 109 7.98 -32.94 -35.60
N GLY B 110 7.93 -31.65 -35.27
CA GLY B 110 6.84 -30.81 -35.73
C GLY B 110 6.01 -30.23 -34.60
N TYR B 111 4.73 -30.00 -34.87
CA TYR B 111 3.83 -29.39 -33.90
C TYR B 111 2.60 -30.22 -33.60
N HIS B 112 2.00 -30.85 -34.61
CA HIS B 112 0.74 -31.56 -34.42
C HIS B 112 0.92 -32.76 -33.49
N ILE B 113 2.00 -33.52 -33.68
CA ILE B 113 2.22 -34.71 -32.85
C ILE B 113 2.39 -34.36 -31.38
N PRO B 114 3.27 -33.44 -30.98
CA PRO B 114 3.29 -33.03 -29.56
C PRO B 114 1.99 -32.41 -29.12
N MET B 115 1.32 -31.66 -30.00
CA MET B 115 0.01 -31.12 -29.67
C MET B 115 -1.01 -32.24 -29.49
N PHE B 116 -0.98 -33.25 -30.36
CA PHE B 116 -1.82 -34.42 -30.18
C PHE B 116 -1.47 -35.14 -28.89
N ALA B 117 -0.19 -35.16 -28.53
CA ALA B 117 0.22 -35.80 -27.28
C ALA B 117 -0.40 -35.10 -26.09
N GLY B 118 -0.48 -33.77 -26.13
CA GLY B 118 -1.14 -33.04 -25.06
C GLY B 118 -2.60 -33.43 -24.92
N PHE B 119 -3.29 -33.62 -26.05
CA PHE B 119 -4.67 -34.07 -26.01
C PHE B 119 -4.76 -35.42 -25.32
N VAL B 120 -3.88 -36.35 -25.67
CA VAL B 120 -3.95 -37.70 -25.12
C VAL B 120 -3.70 -37.66 -23.61
N ILE B 121 -2.64 -36.96 -23.20
CA ILE B 121 -2.30 -36.94 -21.77
C ILE B 121 -3.36 -36.20 -20.97
N MET B 122 -3.99 -35.17 -21.57
CA MET B 122 -5.10 -34.53 -20.89
C MET B 122 -6.31 -35.46 -20.79
N PHE B 123 -6.54 -36.29 -21.80
CA PHE B 123 -7.60 -37.29 -21.72
C PHE B 123 -7.33 -38.25 -20.57
N LEU B 124 -6.10 -38.74 -20.45
CA LEU B 124 -5.78 -39.62 -19.32
C LEU B 124 -5.93 -38.90 -18.00
N SER B 125 -5.53 -37.63 -17.93
CA SER B 125 -5.68 -36.88 -16.68
C SER B 125 -7.14 -36.75 -16.28
N THR B 126 -8.00 -36.44 -17.26
CA THR B 126 -9.42 -36.31 -16.96
C THR B 126 -10.03 -37.64 -16.54
N VAL B 127 -9.64 -38.74 -17.20
CA VAL B 127 -10.20 -40.04 -16.86
C VAL B 127 -9.73 -40.48 -15.47
N MET B 128 -8.44 -40.31 -15.19
CA MET B 128 -7.92 -40.66 -13.86
C MET B 128 -8.57 -39.82 -12.78
N PHE B 129 -8.77 -38.53 -13.05
CA PHE B 129 -9.51 -37.70 -12.11
C PHE B 129 -10.93 -38.20 -11.93
N ALA B 130 -11.52 -38.78 -12.98
CA ALA B 130 -12.89 -39.27 -12.89
C ALA B 130 -12.99 -40.59 -12.14
N PHE B 131 -11.90 -41.34 -12.01
CA PHE B 131 -11.94 -42.66 -11.42
C PHE B 131 -10.95 -42.88 -10.28
N SER B 132 -10.06 -41.94 -10.01
CA SER B 132 -9.07 -42.13 -8.96
C SER B 132 -9.73 -42.17 -7.59
N GLY B 133 -9.19 -42.99 -6.70
CA GLY B 133 -9.70 -43.11 -5.35
C GLY B 133 -8.63 -42.97 -4.29
N THR B 134 -7.37 -43.01 -4.71
CA THR B 134 -6.23 -42.92 -3.80
C THR B 134 -5.38 -41.70 -4.15
N TYR B 135 -4.59 -41.26 -3.17
CA TYR B 135 -3.77 -40.07 -3.36
C TYR B 135 -2.74 -40.27 -4.46
N THR B 136 -2.12 -41.45 -4.51
CA THR B 136 -1.05 -41.69 -5.48
C THR B 136 -1.55 -41.58 -6.91
N LEU B 137 -2.76 -42.08 -7.18
CA LEU B 137 -3.33 -41.94 -8.51
C LEU B 137 -3.56 -40.48 -8.87
N LEU B 138 -4.06 -39.70 -7.93
CA LEU B 138 -4.28 -38.27 -8.19
C LEU B 138 -2.98 -37.54 -8.45
N PHE B 139 -1.90 -37.94 -7.76
CA PHE B 139 -0.60 -37.33 -8.02
C PHE B 139 -0.14 -37.60 -9.45
N VAL B 140 -0.30 -38.84 -9.91
CA VAL B 140 0.06 -39.17 -11.29
C VAL B 140 -0.83 -38.41 -12.26
N ALA B 141 -2.11 -38.25 -11.92
CA ALA B 141 -3.01 -37.48 -12.77
C ALA B 141 -2.56 -36.03 -12.89
N ARG B 142 -2.16 -35.43 -11.77
CA ARG B 142 -1.69 -34.04 -11.80
C ARG B 142 -0.39 -33.92 -12.57
N THR B 143 0.53 -34.87 -12.40
CA THR B 143 1.79 -34.84 -13.16
C THR B 143 1.53 -34.97 -14.65
N LEU B 144 0.63 -35.88 -15.04
CA LEU B 144 0.25 -36.00 -16.45
C LEU B 144 -0.40 -34.72 -16.95
N GLN B 145 -1.24 -34.09 -16.12
CA GLN B 145 -1.85 -32.84 -16.52
C GLN B 145 -0.78 -31.78 -16.76
N GLY B 146 0.25 -31.74 -15.93
CA GLY B 146 1.32 -30.78 -16.15
C GLY B 146 2.07 -31.03 -17.44
N ILE B 147 2.42 -32.29 -17.70
CA ILE B 147 3.16 -32.61 -18.92
C ILE B 147 2.31 -32.29 -20.14
N GLY B 148 1.04 -32.69 -20.12
CA GLY B 148 0.16 -32.40 -21.23
C GLY B 148 -0.10 -30.92 -21.41
N SER B 149 -0.17 -30.18 -20.31
CA SER B 149 -0.37 -28.73 -20.41
C SER B 149 0.83 -28.07 -21.07
N SER B 150 2.04 -28.46 -20.67
CA SER B 150 3.24 -27.92 -21.31
C SER B 150 3.24 -28.24 -22.80
N PHE B 151 3.00 -29.51 -23.14
CA PHE B 151 2.96 -29.93 -24.55
C PHE B 151 1.92 -29.14 -25.33
N SER B 152 0.68 -29.10 -24.83
CA SER B 152 -0.41 -28.45 -25.55
C SER B 152 -0.15 -26.96 -25.72
N SER B 153 0.23 -26.28 -24.64
CA SER B 153 0.46 -24.84 -24.73
C SER B 153 1.56 -24.52 -25.72
N VAL B 154 2.73 -25.16 -25.57
CA VAL B 154 3.86 -24.81 -26.44
C VAL B 154 3.55 -25.16 -27.89
N ALA B 155 3.08 -26.39 -28.13
CA ALA B 155 2.85 -26.82 -29.51
C ALA B 155 1.74 -26.02 -30.18
N GLY B 156 0.63 -25.78 -29.47
CA GLY B 156 -0.47 -25.02 -30.05
C GLY B 156 -0.09 -23.59 -30.33
N LEU B 157 0.63 -22.93 -29.40
CA LEU B 157 1.05 -21.56 -29.66
C LEU B 157 2.01 -21.50 -30.83
N GLY B 158 2.92 -22.47 -30.94
CA GLY B 158 3.80 -22.52 -32.09
C GLY B 158 3.07 -22.71 -33.40
N MET B 159 2.07 -23.60 -33.40
CA MET B 159 1.27 -23.82 -34.61
C MET B 159 0.48 -22.56 -34.98
N LEU B 160 -0.08 -21.88 -33.99
CA LEU B 160 -0.81 -20.65 -34.24
C LEU B 160 0.10 -19.58 -34.83
N ALA B 161 1.33 -19.47 -34.30
CA ALA B 161 2.28 -18.54 -34.86
C ALA B 161 2.64 -18.91 -36.29
N SER B 162 2.79 -20.22 -36.55
CA SER B 162 3.16 -20.66 -37.89
C SER B 162 2.07 -20.36 -38.91
N VAL B 163 0.80 -20.59 -38.54
CA VAL B 163 -0.29 -20.42 -39.50
C VAL B 163 -0.50 -18.94 -39.80
N TYR B 164 -0.51 -18.10 -38.77
CA TYR B 164 -0.77 -16.67 -38.92
C TYR B 164 0.54 -15.96 -39.18
N THR B 165 0.93 -15.78 -40.43
CA THR B 165 2.17 -15.00 -40.64
C THR B 165 1.88 -13.53 -41.02
N ASP B 166 0.68 -13.00 -40.73
CA ASP B 166 0.36 -11.56 -40.99
C ASP B 166 1.24 -10.65 -40.14
N ASP B 167 1.52 -11.02 -38.89
CA ASP B 167 2.40 -10.26 -37.93
C ASP B 167 1.54 -9.29 -37.15
N HIS B 168 0.30 -9.11 -37.57
CA HIS B 168 -0.62 -8.33 -36.72
C HIS B 168 -1.71 -9.32 -36.31
N GLU B 169 -1.74 -10.44 -37.01
CA GLU B 169 -2.83 -11.42 -36.79
C GLU B 169 -2.74 -11.94 -35.36
N ARG B 170 -1.52 -12.14 -34.90
CA ARG B 170 -1.37 -12.79 -33.60
C ARG B 170 -2.07 -11.84 -32.66
N GLY B 171 -1.89 -10.57 -32.90
CA GLY B 171 -2.49 -9.64 -31.94
C GLY B 171 -3.97 -9.90 -31.95
N ARG B 172 -4.54 -10.16 -33.12
CA ARG B 172 -5.99 -10.51 -33.11
C ARG B 172 -6.17 -11.95 -32.61
N ALA B 173 -5.32 -12.90 -33.02
CA ALA B 173 -5.53 -14.29 -32.65
C ALA B 173 -5.03 -14.57 -31.24
N MET B 174 -3.86 -14.03 -30.90
CA MET B 174 -3.33 -14.22 -29.55
C MET B 174 -4.23 -13.59 -28.51
N GLY B 175 -4.76 -12.39 -28.80
CA GLY B 175 -5.70 -11.77 -27.89
C GLY B 175 -6.95 -12.60 -27.69
N THR B 176 -7.47 -13.16 -28.78
CA THR B 176 -8.64 -14.03 -28.67
C THR B 176 -8.34 -15.27 -27.83
N ALA B 177 -7.16 -15.87 -28.04
CA ALA B 177 -6.79 -17.05 -27.27
C ALA B 177 -6.66 -16.72 -25.78
N LEU B 178 -6.03 -15.59 -25.45
CA LEU B 178 -5.90 -15.22 -24.05
C LEU B 178 -7.25 -14.86 -23.44
N GLY B 179 -8.15 -14.27 -24.23
CA GLY B 179 -9.50 -14.05 -23.75
C GLY B 179 -10.22 -15.36 -23.47
N GLY B 180 -9.99 -16.37 -24.31
CA GLY B 180 -10.53 -17.68 -24.02
C GLY B 180 -9.94 -18.30 -22.77
N LEU B 181 -8.66 -18.07 -22.53
CA LEU B 181 -8.03 -18.51 -21.29
C LEU B 181 -8.69 -17.85 -20.09
N ALA B 182 -8.95 -16.55 -20.19
CA ALA B 182 -9.63 -15.84 -19.10
C ALA B 182 -11.05 -16.38 -18.90
N LEU B 183 -11.76 -16.67 -19.99
CA LEU B 183 -13.09 -17.24 -19.88
C LEU B 183 -13.05 -18.61 -19.21
N GLY B 184 -12.06 -19.43 -19.56
CA GLY B 184 -11.91 -20.71 -18.90
C GLY B 184 -11.66 -20.57 -17.41
N LEU B 185 -10.80 -19.63 -17.03
CA LEU B 185 -10.58 -19.36 -15.61
C LEU B 185 -11.87 -18.92 -14.94
N LEU B 186 -12.65 -18.08 -15.62
CA LEU B 186 -13.90 -17.57 -15.06
C LEU B 186 -14.90 -18.71 -14.83
N VAL B 187 -14.99 -19.64 -15.77
CA VAL B 187 -16.05 -20.64 -15.75
C VAL B 187 -15.68 -21.87 -14.94
N GLY B 188 -14.41 -22.32 -14.99
CA GLY B 188 -14.07 -23.61 -14.43
C GLY B 188 -14.20 -23.68 -12.92
N ALA B 189 -13.80 -22.60 -12.23
CA ALA B 189 -13.82 -22.63 -10.77
C ALA B 189 -15.21 -22.84 -10.20
N PRO B 190 -16.25 -22.09 -10.60
CA PRO B 190 -17.60 -22.41 -10.12
C PRO B 190 -18.21 -23.63 -10.77
N PHE B 191 -17.64 -24.12 -11.88
CA PHE B 191 -18.19 -25.28 -12.56
C PHE B 191 -18.16 -26.51 -11.66
N GLY B 192 -16.95 -26.93 -11.27
CA GLY B 192 -16.83 -28.04 -10.34
C GLY B 192 -17.49 -27.75 -9.01
N SER B 193 -17.46 -26.49 -8.58
CA SER B 193 -18.20 -26.10 -7.39
C SER B 193 -19.70 -26.29 -7.59
N VAL B 194 -20.21 -25.94 -8.77
CA VAL B 194 -21.64 -26.00 -9.01
C VAL B 194 -22.12 -27.44 -9.10
N MET B 195 -21.38 -28.30 -9.80
CA MET B 195 -21.85 -29.65 -10.12
C MET B 195 -21.09 -30.74 -9.36
N TYR B 196 -20.80 -30.50 -8.09
CA TYR B 196 -20.34 -31.58 -7.22
C TYR B 196 -21.41 -32.06 -6.25
N GLU B 197 -22.36 -31.21 -5.89
CA GLU B 197 -23.49 -31.60 -5.06
C GLU B 197 -24.75 -31.88 -5.86
N PHE B 198 -24.69 -31.77 -7.19
CA PHE B 198 -25.86 -31.93 -8.04
C PHE B 198 -25.79 -33.15 -8.95
N VAL B 199 -24.61 -33.47 -9.48
CA VAL B 199 -24.50 -34.50 -10.51
C VAL B 199 -23.42 -35.50 -10.09
N GLY B 200 -23.06 -35.51 -8.81
CA GLY B 200 -22.12 -36.48 -8.30
C GLY B 200 -20.69 -35.99 -8.19
N LYS B 201 -19.72 -36.82 -8.58
CA LYS B 201 -18.32 -36.53 -8.40
C LYS B 201 -17.54 -36.42 -9.71
N SER B 202 -17.75 -37.35 -10.63
CA SER B 202 -16.96 -37.40 -11.86
C SER B 202 -17.65 -36.71 -13.04
N ALA B 203 -18.81 -36.09 -12.83
CA ALA B 203 -19.54 -35.49 -13.93
C ALA B 203 -18.78 -34.36 -14.63
N PRO B 204 -18.26 -33.35 -13.92
CA PRO B 204 -17.51 -32.29 -14.62
C PRO B 204 -16.28 -32.82 -15.33
N PHE B 205 -15.59 -33.79 -14.74
CA PHE B 205 -14.42 -34.37 -15.39
C PHE B 205 -14.81 -35.13 -16.66
N LEU B 206 -15.94 -35.84 -16.62
CA LEU B 206 -16.42 -36.51 -17.82
C LEU B 206 -16.78 -35.51 -18.90
N ILE B 207 -17.43 -34.40 -18.54
CA ILE B 207 -17.77 -33.38 -19.51
C ILE B 207 -16.51 -32.78 -20.12
N LEU B 208 -15.49 -32.53 -19.29
CA LEU B 208 -14.23 -31.99 -19.81
C LEU B 208 -13.56 -32.99 -20.75
N ALA B 209 -13.62 -34.28 -20.41
CA ALA B 209 -13.06 -35.29 -21.30
C ALA B 209 -13.79 -35.32 -22.63
N PHE B 210 -15.12 -35.21 -22.59
CA PHE B 210 -15.90 -35.16 -23.83
C PHE B 210 -15.53 -33.95 -24.67
N LEU B 211 -15.34 -32.79 -24.02
CA LEU B 211 -14.89 -31.61 -24.74
C LEU B 211 -13.50 -31.83 -25.35
N ALA B 212 -12.62 -32.50 -24.60
CA ALA B 212 -11.29 -32.81 -25.10
C ALA B 212 -11.36 -33.67 -26.35
N LEU B 213 -12.29 -34.63 -26.36
CA LEU B 213 -12.49 -35.45 -27.55
C LEU B 213 -12.91 -34.60 -28.74
N LEU B 214 -13.79 -33.62 -28.49
CA LEU B 214 -14.17 -32.69 -29.55
C LEU B 214 -12.99 -31.85 -30.01
N ASP B 215 -12.14 -31.44 -29.07
CA ASP B 215 -10.97 -30.64 -29.43
C ASP B 215 -10.02 -31.44 -30.32
N GLY B 216 -9.81 -32.72 -30.00
CA GLY B 216 -8.97 -33.55 -30.85
C GLY B 216 -9.57 -33.75 -32.23
N ALA B 217 -10.90 -33.91 -32.29
CA ALA B 217 -11.56 -34.08 -33.58
C ALA B 217 -11.40 -32.85 -34.46
N LEU B 218 -11.52 -31.66 -33.86
CA LEU B 218 -11.38 -30.43 -34.64
C LEU B 218 -9.98 -30.31 -35.24
N GLN B 219 -8.95 -30.59 -34.45
CA GLN B 219 -7.59 -30.58 -34.97
C GLN B 219 -7.28 -31.81 -35.80
N LEU B 220 -8.07 -32.88 -35.65
CA LEU B 220 -7.82 -34.10 -36.42
C LEU B 220 -7.98 -33.86 -37.91
N CYS B 221 -8.93 -33.02 -38.29
CA CYS B 221 -9.14 -32.66 -39.70
C CYS B 221 -8.38 -31.37 -40.03
N ILE B 222 -7.08 -31.41 -39.78
CA ILE B 222 -6.19 -30.28 -40.02
C ILE B 222 -5.10 -30.70 -40.99
N LEU B 223 -4.91 -29.93 -42.05
CA LEU B 223 -3.92 -30.24 -43.07
C LEU B 223 -4.21 -31.57 -43.74
N LYS B 234 14.35 -16.88 -34.07
CA LYS B 234 14.92 -17.34 -32.81
C LYS B 234 15.96 -16.34 -32.29
N GLY B 235 16.13 -16.31 -30.98
CA GLY B 235 17.12 -15.44 -30.37
C GLY B 235 16.93 -15.26 -28.87
N THR B 236 18.04 -15.03 -28.16
CA THR B 236 18.04 -14.79 -26.73
C THR B 236 17.31 -15.89 -25.95
N PRO B 237 17.91 -17.06 -25.81
CA PRO B 237 17.28 -18.12 -24.99
C PRO B 237 17.04 -17.63 -23.57
N LEU B 238 16.03 -18.25 -22.93
CA LEU B 238 15.55 -17.74 -21.64
C LEU B 238 16.61 -17.80 -20.55
N PHE B 239 17.58 -18.71 -20.66
CA PHE B 239 18.57 -18.84 -19.60
C PHE B 239 19.46 -17.60 -19.50
N MET B 240 19.63 -16.88 -20.61
CA MET B 240 20.35 -15.62 -20.60
C MET B 240 19.44 -14.42 -20.36
N LEU B 241 18.12 -14.63 -20.34
CA LEU B 241 17.19 -13.55 -20.10
C LEU B 241 16.85 -13.36 -18.62
N LEU B 242 17.40 -14.21 -17.75
CA LEU B 242 17.28 -14.02 -16.32
C LEU B 242 18.58 -13.56 -15.68
N LYS B 243 19.59 -13.24 -16.50
CA LYS B 243 20.83 -12.65 -16.02
C LYS B 243 20.78 -11.13 -15.98
N ASP B 244 19.74 -10.51 -16.55
CA ASP B 244 19.60 -9.06 -16.52
C ASP B 244 18.74 -8.67 -15.32
N PRO B 245 19.24 -7.81 -14.43
CA PRO B 245 18.48 -7.51 -13.20
C PRO B 245 17.13 -6.86 -13.45
N TYR B 246 16.95 -6.14 -14.56
CA TYR B 246 15.67 -5.49 -14.84
C TYR B 246 14.59 -6.53 -15.11
N ILE B 247 14.86 -7.47 -16.01
CA ILE B 247 13.90 -8.52 -16.30
C ILE B 247 13.68 -9.40 -15.09
N LEU B 248 14.73 -9.61 -14.28
CA LEU B 248 14.56 -10.36 -13.04
C LEU B 248 13.63 -9.63 -12.09
N VAL B 249 13.73 -8.30 -12.02
CA VAL B 249 12.84 -7.52 -11.17
C VAL B 249 11.40 -7.66 -11.65
N ALA B 250 11.19 -7.55 -12.96
CA ALA B 250 9.84 -7.67 -13.50
C ALA B 250 9.27 -9.06 -13.24
N ALA B 251 10.07 -10.10 -13.47
CA ALA B 251 9.61 -11.47 -13.25
C ALA B 251 9.30 -11.71 -11.78
N GLY B 252 10.14 -11.19 -10.89
CA GLY B 252 9.86 -11.31 -9.47
C GLY B 252 8.59 -10.60 -9.08
N SER B 253 8.33 -9.44 -9.68
CA SER B 253 7.07 -8.73 -9.42
C SER B 253 5.88 -9.59 -9.84
N ILE B 254 5.94 -10.16 -11.04
CA ILE B 254 4.84 -11.00 -11.53
C ILE B 254 4.65 -12.21 -10.62
N CYS B 255 5.76 -12.87 -10.26
CA CYS B 255 5.67 -14.08 -9.44
C CYS B 255 5.13 -13.77 -8.05
N PHE B 256 5.59 -12.68 -7.43
CA PHE B 256 5.15 -12.36 -6.09
C PHE B 256 3.70 -11.87 -6.09
N ALA B 257 3.26 -11.23 -7.17
CA ALA B 257 1.85 -10.86 -7.27
C ALA B 257 0.97 -12.09 -7.47
N ASN B 258 1.42 -13.03 -8.31
CA ASN B 258 0.64 -14.24 -8.55
C ASN B 258 0.66 -15.21 -7.38
N MET B 259 1.66 -15.08 -6.50
CA MET B 259 1.73 -15.97 -5.35
C MET B 259 0.54 -15.77 -4.41
N GLY B 260 -0.08 -14.58 -4.43
CA GLY B 260 -1.25 -14.35 -3.60
C GLY B 260 -2.38 -15.31 -3.90
N VAL B 261 -2.56 -15.65 -5.18
CA VAL B 261 -3.56 -16.64 -5.56
C VAL B 261 -2.97 -18.04 -5.59
N ALA B 262 -1.67 -18.17 -5.85
CA ALA B 262 -1.04 -19.49 -5.86
C ALA B 262 -1.12 -20.15 -4.49
N ILE B 263 -0.88 -19.37 -3.44
CA ILE B 263 -1.03 -19.88 -2.08
C ILE B 263 -2.50 -20.11 -1.76
N LEU B 264 -3.37 -19.22 -2.26
CA LEU B 264 -4.79 -19.30 -1.94
C LEU B 264 -5.42 -20.59 -2.48
N GLU B 265 -5.01 -21.01 -3.67
CA GLU B 265 -5.66 -22.15 -4.33
C GLU B 265 -5.63 -23.43 -3.51
N PRO B 266 -4.50 -23.88 -2.97
CA PRO B 266 -4.52 -25.16 -2.23
C PRO B 266 -5.07 -25.04 -0.82
N THR B 267 -5.02 -23.87 -0.19
CA THR B 267 -5.35 -23.75 1.22
C THR B 267 -6.66 -23.01 1.50
N LEU B 268 -7.11 -22.15 0.60
CA LEU B 268 -8.34 -21.39 0.87
C LEU B 268 -9.57 -22.28 1.03
N PRO B 269 -9.83 -23.25 0.17
CA PRO B 269 -10.99 -24.14 0.42
C PRO B 269 -10.91 -24.88 1.74
N ILE B 270 -9.73 -25.32 2.15
CA ILE B 270 -9.60 -25.98 3.45
C ILE B 270 -9.87 -25.00 4.57
N TRP B 271 -9.37 -23.76 4.43
CA TRP B 271 -9.67 -22.72 5.40
C TRP B 271 -11.17 -22.48 5.52
N MET B 272 -11.86 -22.44 4.39
CA MET B 272 -13.30 -22.20 4.39
C MET B 272 -14.03 -23.36 5.07
N MET B 273 -13.71 -24.59 4.68
CA MET B 273 -14.35 -25.76 5.29
C MET B 273 -14.03 -25.88 6.77
N GLN B 274 -12.92 -25.28 7.22
CA GLN B 274 -12.57 -25.34 8.63
C GLN B 274 -13.25 -24.25 9.46
N THR B 275 -13.34 -23.03 8.94
CA THR B 275 -13.80 -21.90 9.76
C THR B 275 -15.23 -21.47 9.48
N MET B 276 -15.70 -21.53 8.23
CA MET B 276 -17.02 -20.99 7.90
C MET B 276 -18.09 -22.06 7.72
N CYS B 277 -17.71 -23.29 7.37
CA CYS B 277 -18.67 -24.37 7.18
C CYS B 277 -19.65 -24.05 6.05
N SER B 278 -19.14 -23.42 5.00
CA SER B 278 -19.96 -23.08 3.85
C SER B 278 -20.35 -24.34 3.08
N PRO B 279 -21.40 -24.27 2.26
CA PRO B 279 -21.77 -25.44 1.45
C PRO B 279 -20.74 -25.71 0.37
N LYS B 280 -20.70 -26.96 -0.08
CA LYS B 280 -19.64 -27.42 -0.95
C LYS B 280 -19.68 -26.80 -2.34
N TRP B 281 -20.75 -26.10 -2.71
CA TRP B 281 -20.85 -25.44 -4.00
C TRP B 281 -20.50 -23.96 -3.92
N GLN B 282 -19.98 -23.48 -2.78
CA GLN B 282 -19.53 -22.11 -2.65
C GLN B 282 -18.02 -21.97 -2.57
N LEU B 283 -17.30 -23.07 -2.33
CA LEU B 283 -15.84 -23.01 -2.27
C LEU B 283 -15.26 -22.59 -3.62
N GLY B 284 -15.81 -23.13 -4.71
CA GLY B 284 -15.41 -22.67 -6.03
C GLY B 284 -16.09 -21.39 -6.46
N LEU B 285 -17.18 -21.02 -5.79
CA LEU B 285 -17.85 -19.75 -6.09
C LEU B 285 -17.06 -18.57 -5.54
N ALA B 286 -16.34 -18.76 -4.43
CA ALA B 286 -15.58 -17.67 -3.84
C ALA B 286 -14.50 -17.14 -4.79
N PHE B 287 -14.01 -17.97 -5.70
CA PHE B 287 -13.03 -17.52 -6.69
C PHE B 287 -13.68 -16.84 -7.89
N LEU B 288 -15.00 -16.87 -7.99
CA LEU B 288 -15.69 -16.11 -9.04
C LEU B 288 -15.40 -14.62 -8.96
N PRO B 289 -15.47 -13.97 -7.78
CA PRO B 289 -15.11 -12.55 -7.71
C PRO B 289 -13.69 -12.28 -8.18
N ALA B 290 -12.75 -13.20 -7.91
CA ALA B 290 -11.39 -13.01 -8.36
C ALA B 290 -11.31 -12.95 -9.89
N SER B 291 -12.00 -13.88 -10.57
CA SER B 291 -11.98 -13.89 -12.02
C SER B 291 -12.66 -12.65 -12.59
N VAL B 292 -13.82 -12.26 -12.03
CA VAL B 292 -14.53 -11.10 -12.53
C VAL B 292 -13.69 -9.84 -12.35
N SER B 293 -13.11 -9.67 -11.16
CA SER B 293 -12.28 -8.52 -10.90
C SER B 293 -11.04 -8.50 -11.79
N TYR B 294 -10.45 -9.68 -12.04
CA TYR B 294 -9.28 -9.72 -12.91
C TYR B 294 -9.63 -9.30 -14.32
N LEU B 295 -10.76 -9.78 -14.85
CA LEU B 295 -11.15 -9.39 -16.20
C LEU B 295 -11.42 -7.89 -16.29
N ILE B 296 -12.18 -7.37 -15.32
CA ILE B 296 -12.49 -5.93 -15.31
C ILE B 296 -11.20 -5.11 -15.23
N GLY B 297 -10.31 -5.49 -14.31
CA GLY B 297 -9.09 -4.74 -14.13
C GLY B 297 -8.17 -4.81 -15.32
N THR B 298 -8.04 -6.00 -15.93
CA THR B 298 -7.15 -6.13 -17.07
C THR B 298 -7.64 -5.29 -18.24
N ASN B 299 -8.96 -5.33 -18.52
CA ASN B 299 -9.49 -4.49 -19.60
C ASN B 299 -9.30 -3.01 -19.30
N LEU B 300 -9.73 -2.58 -18.10
CA LEU B 300 -9.68 -1.16 -17.76
C LEU B 300 -8.25 -0.64 -17.77
N PHE B 301 -7.30 -1.41 -17.24
CA PHE B 301 -5.95 -0.89 -17.14
C PHE B 301 -5.16 -1.08 -18.43
N GLY B 302 -5.49 -2.07 -19.25
CA GLY B 302 -4.98 -2.05 -20.61
C GLY B 302 -5.43 -0.81 -21.35
N VAL B 303 -6.62 -0.30 -21.02
CA VAL B 303 -7.03 0.99 -21.55
C VAL B 303 -6.24 2.14 -20.92
N LEU B 304 -6.06 2.13 -19.60
CA LEU B 304 -5.81 3.34 -18.82
C LEU B 304 -4.42 3.45 -18.20
N ALA B 305 -3.57 2.42 -18.27
CA ALA B 305 -2.35 2.43 -17.48
C ALA B 305 -1.24 3.28 -18.07
N ASN B 306 -1.19 3.41 -19.39
CA ASN B 306 -0.07 4.11 -20.02
C ASN B 306 -0.05 5.60 -19.69
N LYS B 307 -1.19 6.19 -19.32
CA LYS B 307 -1.23 7.61 -19.05
C LYS B 307 -0.64 7.96 -17.69
N MET B 308 -0.80 7.09 -16.70
CA MET B 308 -0.30 7.35 -15.35
C MET B 308 1.07 6.75 -15.09
N GLY B 309 1.66 6.06 -16.06
CA GLY B 309 2.96 5.44 -15.87
C GLY B 309 2.85 3.98 -15.46
N ARG B 310 3.53 3.11 -16.20
CA ARG B 310 3.41 1.68 -15.93
C ARG B 310 4.00 1.31 -14.57
N TRP B 311 5.11 1.96 -14.19
CA TRP B 311 5.74 1.64 -12.91
C TRP B 311 4.82 1.98 -11.75
N LEU B 312 4.09 3.09 -11.85
CA LEU B 312 3.16 3.45 -10.79
C LEU B 312 2.02 2.46 -10.71
N CYS B 313 1.51 2.00 -11.86
CA CYS B 313 0.45 1.01 -11.85
C CYS B 313 0.92 -0.29 -11.20
N SER B 314 2.12 -0.74 -11.56
CA SER B 314 2.65 -1.97 -10.97
C SER B 314 2.88 -1.82 -9.46
N LEU B 315 3.43 -0.68 -9.04
CA LEU B 315 3.69 -0.44 -7.63
C LEU B 315 2.39 -0.41 -6.84
N ILE B 316 1.38 0.31 -7.34
CA ILE B 316 0.10 0.37 -6.67
C ILE B 316 -0.54 -1.00 -6.62
N GLY B 317 -0.42 -1.77 -7.72
CA GLY B 317 -1.01 -3.09 -7.75
C GLY B 317 -0.36 -4.03 -6.75
N MET B 318 0.96 -3.97 -6.61
CA MET B 318 1.63 -4.79 -5.61
C MET B 318 1.20 -4.39 -4.21
N LEU B 319 1.10 -3.08 -3.94
CA LEU B 319 0.68 -2.63 -2.62
C LEU B 319 -0.74 -3.10 -2.30
N VAL B 320 -1.65 -2.99 -3.27
CA VAL B 320 -3.01 -3.43 -3.02
C VAL B 320 -3.09 -4.96 -2.93
N VAL B 321 -2.21 -5.68 -3.63
CA VAL B 321 -2.14 -7.13 -3.47
C VAL B 321 -1.77 -7.47 -2.03
N GLY B 322 -0.76 -6.79 -1.50
CA GLY B 322 -0.37 -7.02 -0.11
C GLY B 322 -1.48 -6.68 0.87
N THR B 323 -2.14 -5.53 0.65
CA THR B 323 -3.22 -5.13 1.54
C THR B 323 -4.38 -6.10 1.48
N SER B 324 -4.73 -6.57 0.27
CA SER B 324 -5.84 -7.51 0.13
C SER B 324 -5.50 -8.86 0.75
N LEU B 325 -4.27 -9.33 0.59
CA LEU B 325 -3.89 -10.58 1.21
C LEU B 325 -3.86 -10.46 2.73
N LEU B 326 -3.55 -9.28 3.25
CA LEU B 326 -3.68 -9.05 4.68
C LEU B 326 -5.14 -9.06 5.11
N CYS B 327 -6.02 -8.47 4.29
CA CYS B 327 -7.43 -8.37 4.63
C CYS B 327 -8.14 -9.71 4.51
N VAL B 328 -7.59 -10.63 3.72
CA VAL B 328 -8.24 -11.92 3.49
C VAL B 328 -8.46 -12.71 4.77
N PRO B 329 -7.48 -12.86 5.66
CA PRO B 329 -7.71 -13.69 6.87
C PRO B 329 -8.79 -13.17 7.80
N LEU B 330 -9.17 -11.90 7.72
CA LEU B 330 -10.19 -11.36 8.61
C LEU B 330 -11.61 -11.58 8.10
N ALA B 331 -11.78 -12.16 6.91
CA ALA B 331 -13.12 -12.46 6.43
C ALA B 331 -13.79 -13.49 7.34
N HIS B 332 -15.04 -13.22 7.72
CA HIS B 332 -15.77 -14.09 8.63
C HIS B 332 -16.90 -14.86 7.97
N ASN B 333 -17.01 -14.79 6.65
CA ASN B 333 -18.01 -15.55 5.91
C ASN B 333 -17.73 -15.38 4.42
N ILE B 334 -18.48 -16.12 3.60
CA ILE B 334 -18.31 -16.03 2.16
C ILE B 334 -18.62 -14.63 1.66
N PHE B 335 -19.61 -13.97 2.25
CA PHE B 335 -19.94 -12.61 1.86
C PHE B 335 -18.78 -11.67 2.17
N GLY B 336 -18.09 -11.89 3.28
CA GLY B 336 -16.97 -11.04 3.65
C GLY B 336 -15.80 -11.12 2.69
N LEU B 337 -15.69 -12.20 1.93
CA LEU B 337 -14.57 -12.38 1.02
C LEU B 337 -14.80 -11.76 -0.34
N ILE B 338 -16.00 -11.24 -0.62
CA ILE B 338 -16.24 -10.61 -1.92
C ILE B 338 -15.42 -9.35 -2.06
N GLY B 339 -15.18 -8.63 -0.96
CA GLY B 339 -14.39 -7.44 -0.99
C GLY B 339 -12.91 -7.70 -1.19
N PRO B 340 -12.29 -8.37 -0.20
CA PRO B 340 -10.85 -8.64 -0.30
C PRO B 340 -10.45 -9.46 -1.52
N ASN B 341 -11.24 -10.47 -1.89
CA ASN B 341 -10.89 -11.28 -3.06
C ASN B 341 -11.02 -10.49 -4.35
N ALA B 342 -12.08 -9.68 -4.47
CA ALA B 342 -12.23 -8.84 -5.66
C ALA B 342 -11.09 -7.83 -5.74
N GLY B 343 -10.72 -7.24 -4.60
CA GLY B 343 -9.59 -6.33 -4.60
C GLY B 343 -8.29 -7.00 -5.00
N LEU B 344 -8.07 -8.22 -4.50
CA LEU B 344 -6.86 -8.97 -4.86
C LEU B 344 -6.84 -9.29 -6.35
N GLY B 345 -7.99 -9.68 -6.89
CA GLY B 345 -8.05 -9.95 -8.33
C GLY B 345 -7.78 -8.71 -9.15
N LEU B 346 -8.38 -7.59 -8.76
CA LEU B 346 -8.13 -6.33 -9.48
C LEU B 346 -6.67 -5.92 -9.36
N ALA B 347 -6.07 -6.14 -8.19
CA ALA B 347 -4.66 -5.81 -7.99
C ALA B 347 -3.76 -6.67 -8.87
N ILE B 348 -4.05 -7.97 -8.96
CA ILE B 348 -3.25 -8.84 -9.81
C ILE B 348 -3.42 -8.47 -11.27
N GLY B 349 -4.64 -8.06 -11.65
CA GLY B 349 -4.84 -7.57 -13.00
C GLY B 349 -4.05 -6.31 -13.29
N MET B 350 -4.02 -5.39 -12.31
CA MET B 350 -3.19 -4.20 -12.43
C MET B 350 -1.73 -4.56 -12.63
N VAL B 351 -1.23 -5.49 -11.80
CA VAL B 351 0.18 -5.87 -11.87
C VAL B 351 0.49 -6.50 -13.22
N ASP B 352 -0.38 -7.38 -13.70
CA ASP B 352 -0.15 -8.00 -15.00
C ASP B 352 -0.18 -6.98 -16.13
N SER B 353 -1.22 -6.14 -16.17
CA SER B 353 -1.35 -5.18 -17.26
C SER B 353 -0.24 -4.13 -17.24
N SER B 354 0.36 -3.88 -16.07
CA SER B 354 1.46 -2.93 -16.00
C SER B 354 2.82 -3.58 -16.16
N MET B 355 2.93 -4.88 -15.96
CA MET B 355 4.22 -5.56 -16.05
C MET B 355 4.48 -6.16 -17.43
N MET B 356 3.46 -6.76 -18.05
CA MET B 356 3.65 -7.37 -19.36
C MET B 356 4.14 -6.39 -20.42
N PRO B 357 3.53 -5.20 -20.58
CA PRO B 357 4.14 -4.21 -21.49
C PRO B 357 5.54 -3.79 -21.06
N ILE B 358 5.80 -3.72 -19.76
CA ILE B 358 7.14 -3.39 -19.29
C ILE B 358 8.12 -4.50 -19.65
N MET B 359 7.71 -5.76 -19.50
CA MET B 359 8.55 -6.87 -19.94
C MET B 359 8.82 -6.80 -21.43
N GLY B 360 7.79 -6.48 -22.21
CA GLY B 360 7.98 -6.35 -23.64
C GLY B 360 8.96 -5.24 -24.01
N HIS B 361 8.83 -4.10 -23.35
CA HIS B 361 9.76 -2.99 -23.60
C HIS B 361 11.19 -3.37 -23.22
N LEU B 362 11.35 -4.02 -22.06
CA LEU B 362 12.68 -4.43 -21.61
C LEU B 362 13.31 -5.41 -22.59
N VAL B 363 12.54 -6.38 -23.06
CA VAL B 363 13.08 -7.36 -23.99
C VAL B 363 13.39 -6.71 -25.33
N ASP B 364 12.56 -5.77 -25.78
CA ASP B 364 12.75 -5.18 -27.09
C ASP B 364 13.97 -4.25 -27.11
N LEU B 365 14.14 -3.44 -26.06
CA LEU B 365 15.20 -2.43 -26.08
C LEU B 365 16.58 -3.08 -26.08
N ARG B 366 16.78 -4.08 -25.22
CA ARG B 366 18.10 -4.67 -25.01
C ARG B 366 18.33 -5.92 -25.87
N HIS B 367 17.51 -6.95 -25.67
CA HIS B 367 17.69 -8.24 -26.31
C HIS B 367 16.90 -8.31 -27.61
N THR B 368 16.89 -9.48 -28.24
CA THR B 368 16.11 -9.73 -29.45
C THR B 368 14.87 -10.52 -29.02
N SER B 369 13.71 -9.90 -29.15
CA SER B 369 12.46 -10.48 -28.66
C SER B 369 11.79 -11.32 -29.74
N VAL B 370 11.18 -12.42 -29.30
CA VAL B 370 10.39 -13.27 -30.16
C VAL B 370 8.95 -13.26 -29.65
N TYR B 371 8.08 -13.96 -30.38
CA TYR B 371 6.65 -13.92 -30.06
C TYR B 371 6.35 -14.50 -28.67
N GLY B 372 7.22 -15.37 -28.17
CA GLY B 372 7.01 -15.99 -26.88
C GLY B 372 7.93 -15.54 -25.77
N SER B 373 8.76 -14.52 -25.99
CA SER B 373 9.68 -14.06 -24.94
C SER B 373 8.93 -13.54 -23.74
N VAL B 374 7.91 -12.69 -23.98
CA VAL B 374 7.09 -12.22 -22.87
C VAL B 374 6.28 -13.37 -22.28
N TYR B 375 5.82 -14.29 -23.14
CA TYR B 375 5.12 -15.47 -22.64
C TYR B 375 6.05 -16.33 -21.79
N ALA B 376 7.28 -16.54 -22.24
CA ALA B 376 8.19 -17.45 -21.57
C ALA B 376 8.60 -16.93 -20.19
N ILE B 377 9.03 -15.67 -20.12
CA ILE B 377 9.55 -15.13 -18.87
C ILE B 377 8.45 -15.10 -17.81
N ALA B 378 7.27 -14.60 -18.18
CA ALA B 378 6.16 -14.60 -17.23
C ALA B 378 5.70 -16.01 -16.92
N ASP B 379 5.83 -16.93 -17.89
CA ASP B 379 5.49 -18.32 -17.62
C ASP B 379 6.39 -18.92 -16.55
N VAL B 380 7.70 -18.71 -16.67
CA VAL B 380 8.65 -19.23 -15.69
C VAL B 380 8.35 -18.66 -14.31
N ALA B 381 7.95 -17.39 -14.27
CA ALA B 381 7.46 -16.82 -13.01
C ALA B 381 6.21 -17.53 -12.55
N PHE B 382 5.32 -17.88 -13.47
CA PHE B 382 4.07 -18.54 -13.10
C PHE B 382 4.33 -19.92 -12.53
N CYS B 383 5.11 -20.75 -13.24
CA CYS B 383 5.39 -22.09 -12.74
C CYS B 383 6.22 -22.03 -11.45
N MET B 384 7.18 -21.12 -11.38
CA MET B 384 7.98 -20.98 -10.17
C MET B 384 7.11 -20.61 -8.97
N GLY B 385 6.17 -19.67 -9.17
CA GLY B 385 5.26 -19.32 -8.09
C GLY B 385 4.36 -20.46 -7.70
N PHE B 386 3.77 -21.14 -8.68
CA PHE B 386 2.85 -22.23 -8.38
C PHE B 386 3.56 -23.45 -7.82
N ALA B 387 4.88 -23.52 -7.94
CA ALA B 387 5.63 -24.61 -7.33
C ALA B 387 6.18 -24.26 -5.96
N ILE B 388 6.59 -23.00 -5.74
CA ILE B 388 7.16 -22.61 -4.46
C ILE B 388 6.11 -22.15 -3.45
N GLY B 389 4.90 -21.80 -3.91
CA GLY B 389 3.85 -21.41 -3.00
C GLY B 389 3.23 -22.60 -2.31
N PRO B 390 2.60 -23.49 -3.07
CA PRO B 390 2.00 -24.69 -2.47
C PRO B 390 3.00 -25.58 -1.76
N SER B 391 4.24 -25.68 -2.25
CA SER B 391 5.21 -26.59 -1.67
C SER B 391 5.60 -26.17 -0.25
N THR B 392 5.97 -24.90 -0.07
CA THR B 392 6.25 -24.39 1.27
C THR B 392 4.99 -24.06 2.05
N GLY B 393 3.84 -24.04 1.39
CA GLY B 393 2.60 -23.72 2.07
C GLY B 393 2.24 -24.75 3.11
N GLY B 394 2.43 -26.04 2.81
CA GLY B 394 2.15 -27.06 3.79
C GLY B 394 2.97 -26.88 5.05
N ALA B 395 4.27 -26.67 4.89
CA ALA B 395 5.14 -26.46 6.04
C ALA B 395 4.76 -25.20 6.80
N ILE B 396 4.45 -24.11 6.09
CA ILE B 396 4.17 -22.85 6.78
C ILE B 396 2.86 -22.93 7.56
N VAL B 397 1.82 -23.54 6.96
CA VAL B 397 0.56 -23.67 7.69
C VAL B 397 0.67 -24.69 8.81
N LYS B 398 1.52 -25.71 8.67
CA LYS B 398 1.72 -26.62 9.79
C LYS B 398 2.42 -25.93 10.95
N ALA B 399 3.47 -25.17 10.65
CA ALA B 399 4.18 -24.46 11.71
C ALA B 399 3.33 -23.36 12.33
N ILE B 400 2.73 -22.51 11.49
CA ILE B 400 1.92 -21.38 11.94
C ILE B 400 0.67 -21.30 11.10
N GLY B 401 -0.30 -20.51 11.57
CA GLY B 401 -1.59 -20.47 10.92
C GLY B 401 -1.54 -19.84 9.54
N PHE B 402 -2.58 -20.13 8.76
CA PHE B 402 -2.76 -19.51 7.45
C PHE B 402 -2.73 -17.98 7.49
N PRO B 403 -3.34 -17.30 8.47
CA PRO B 403 -3.21 -15.83 8.52
C PRO B 403 -1.77 -15.34 8.54
N TRP B 404 -0.87 -16.04 9.22
CA TRP B 404 0.54 -15.65 9.17
C TRP B 404 1.11 -15.84 7.78
N LEU B 405 0.66 -16.86 7.04
CA LEU B 405 1.11 -17.03 5.66
C LEU B 405 0.65 -15.86 4.80
N MET B 406 -0.61 -15.45 4.95
CA MET B 406 -1.10 -14.30 4.20
C MET B 406 -0.35 -13.03 4.57
N VAL B 407 -0.08 -12.84 5.86
CA VAL B 407 0.68 -11.68 6.31
C VAL B 407 2.07 -11.69 5.70
N ILE B 408 2.71 -12.86 5.68
CA ILE B 408 4.06 -12.97 5.13
C ILE B 408 4.06 -12.60 3.65
N THR B 409 3.14 -13.18 2.89
CA THR B 409 3.11 -12.92 1.45
C THR B 409 2.81 -11.44 1.17
N GLY B 410 1.87 -10.85 1.91
CA GLY B 410 1.61 -9.44 1.74
C GLY B 410 2.80 -8.58 2.08
N VAL B 411 3.55 -8.97 3.11
CA VAL B 411 4.73 -8.21 3.50
C VAL B 411 5.81 -8.31 2.44
N ILE B 412 5.99 -9.50 1.84
CA ILE B 412 6.97 -9.61 0.75
C ILE B 412 6.56 -8.74 -0.42
N ASN B 413 5.27 -8.74 -0.77
CA ASN B 413 4.82 -7.91 -1.89
C ASN B 413 5.04 -6.43 -1.59
N ILE B 414 4.70 -5.99 -0.38
CA ILE B 414 4.82 -4.57 -0.03
C ILE B 414 6.29 -4.15 -0.03
N VAL B 415 7.16 -4.98 0.55
CA VAL B 415 8.58 -4.63 0.61
C VAL B 415 9.20 -4.65 -0.78
N TYR B 416 8.77 -5.59 -1.63
CA TYR B 416 9.28 -5.65 -2.99
C TYR B 416 8.76 -4.49 -3.84
N ALA B 417 7.63 -3.90 -3.45
CA ALA B 417 7.02 -2.80 -4.21
C ALA B 417 7.98 -1.66 -4.50
N PRO B 418 8.77 -1.16 -3.56
CA PRO B 418 9.73 -0.10 -3.89
C PRO B 418 10.77 -0.52 -4.91
N LEU B 419 11.01 -1.82 -5.09
CA LEU B 419 11.97 -2.29 -6.09
C LEU B 419 11.51 -2.05 -7.51
N CYS B 420 10.25 -1.69 -7.73
CA CYS B 420 9.76 -1.38 -9.07
C CYS B 420 10.27 -0.06 -9.61
N TYR B 421 10.94 0.74 -8.78
CA TYR B 421 11.56 1.97 -9.27
C TYR B 421 12.66 1.66 -10.28
N TYR B 422 13.25 0.46 -10.20
CA TYR B 422 14.31 0.08 -11.13
C TYR B 422 13.85 0.09 -12.57
N LEU B 423 12.56 -0.11 -12.82
CA LEU B 423 12.04 -0.22 -14.17
C LEU B 423 11.58 1.12 -14.76
N ARG B 424 11.68 2.21 -13.99
CA ARG B 424 11.29 3.52 -14.48
C ARG B 424 12.34 3.97 -15.49
N SER B 425 12.02 3.86 -16.78
CA SER B 425 12.90 4.25 -17.87
C SER B 425 14.22 3.49 -17.80
N PRO B 426 14.22 2.14 -17.96
CA PRO B 426 15.44 1.36 -17.93
C PRO B 426 16.37 1.77 -19.07
N PRO B 427 17.69 1.75 -18.89
CA PRO B 427 18.60 2.10 -19.93
C PRO B 427 19.50 0.93 -20.31
N ALA B 428 19.64 0.68 -21.61
CA ALA B 428 20.50 -0.43 -22.08
C ALA B 428 21.43 -0.91 -20.94
#